data_9FZV
#
_entry.id   9FZV
#
_cell.length_a   81.726
_cell.length_b   81.726
_cell.length_c   102.091
_cell.angle_alpha   90.00
_cell.angle_beta   90.00
_cell.angle_gamma   120.00
#
_symmetry.space_group_name_H-M   'P 31'
#
loop_
_entity.id
_entity.type
_entity.pdbx_description
1 polymer 'Cathepsin B-like peptidase (C01 family)'
2 non-polymer 'carborane inhibitor'
3 non-polymer 1,2-ETHANEDIOL
4 water water
#
_entity_poly.entity_id   1
_entity_poly.type   'polypeptide(L)'
_entity_poly.pdbx_seq_one_letter_code
;VEIPSSFDSRKKWPRCKSIATIRDQSRCGSCWAFGAVEAMSDRSCIQSGGKQNVELSAVDLLSCCESCGLGCEGGILGPA
WDYWVKEGIVTGSSKENHAGCEPYPFPKCEHHTKGKYPPCGSKIYKTPRCKQTCQKKYKTPYTQDKHRGKSSYNVKNDEK
AIQKEIMKYGPVEAGFTVYEDFLNYKSGIYKHITGETLGGHAIRIIGWGVENKAPYWLIANSWNEDWGENGYFRIVRGRD
ECSIESEVTAGRIN
;
_entity_poly.pdbx_strand_id   A,B,C
#
# COMPACT_ATOMS: atom_id res chain seq x y z
N VAL A 1 -3.59 -14.99 21.84
CA VAL A 1 -2.46 -14.09 22.26
C VAL A 1 -2.96 -12.80 22.91
N GLU A 2 -2.02 -12.06 23.50
CA GLU A 2 -2.28 -10.79 24.17
C GLU A 2 -1.72 -9.63 23.35
N ILE A 3 -2.60 -8.73 22.90
CA ILE A 3 -2.23 -7.59 22.06
C ILE A 3 -1.62 -6.47 22.89
N PRO A 4 -0.35 -6.13 22.63
CA PRO A 4 0.25 -5.06 23.36
C PRO A 4 -0.33 -3.75 22.90
N SER A 5 -0.09 -2.71 23.68
CA SER A 5 -0.68 -1.41 23.41
C SER A 5 0.01 -0.80 22.17
N SER A 6 1.27 -1.13 21.97
CA SER A 6 1.96 -0.70 20.77
C SER A 6 2.69 -1.88 20.13
N PHE A 7 2.97 -1.76 18.84
CA PHE A 7 3.72 -2.81 18.10
C PHE A 7 4.32 -2.19 16.86
N ASP A 8 5.57 -2.57 16.57
CA ASP A 8 6.27 -2.06 15.44
C ASP A 8 6.95 -3.26 14.76
N SER A 9 6.53 -3.62 13.53
CA SER A 9 7.15 -4.74 12.81
C SER A 9 8.62 -4.60 12.61
N ARG A 10 9.09 -3.36 12.51
CA ARG A 10 10.50 -3.11 12.22
C ARG A 10 11.37 -3.52 13.40
N LYS A 11 10.80 -3.50 14.61
CA LYS A 11 11.55 -3.82 15.81
C LYS A 11 11.44 -5.28 16.19
N LYS A 12 10.36 -5.93 15.82
CA LYS A 12 10.26 -7.37 16.07
C LYS A 12 11.19 -8.19 15.16
N TRP A 13 11.36 -7.77 13.91
CA TRP A 13 12.08 -8.52 12.91
C TRP A 13 13.14 -7.66 12.25
N PRO A 14 14.11 -7.17 13.05
CA PRO A 14 15.07 -6.21 12.49
C PRO A 14 16.04 -6.78 11.43
N ARG A 15 16.19 -8.10 11.33
CA ARG A 15 16.90 -8.66 10.18
C ARG A 15 16.27 -8.39 8.81
N CYS A 16 14.95 -8.26 8.80
CA CYS A 16 14.23 -8.11 7.57
C CYS A 16 14.25 -6.63 7.19
N LYS A 17 15.21 -6.25 6.35
CA LYS A 17 15.51 -4.85 6.07
C LYS A 17 14.35 -4.20 5.30
N SER A 18 13.70 -4.97 4.44
CA SER A 18 12.54 -4.48 3.64
C SER A 18 11.49 -3.81 4.53
N ILE A 19 11.29 -4.33 5.73
CA ILE A 19 10.22 -3.78 6.62
C ILE A 19 10.36 -2.32 6.88
N ALA A 20 11.58 -1.82 6.96
CA ALA A 20 11.88 -0.45 7.26
C ALA A 20 12.25 0.37 6.02
N THR A 21 12.06 -0.18 4.84
CA THR A 21 12.33 0.50 3.59
C THR A 21 11.09 1.23 3.10
N ILE A 22 11.27 2.48 2.73
CA ILE A 22 10.20 3.27 2.17
C ILE A 22 10.58 3.38 0.69
N ARG A 23 9.63 2.95 -0.16
CA ARG A 23 9.75 3.10 -1.61
C ARG A 23 8.97 4.31 -2.20
N ASP A 24 9.11 4.51 -3.49
CA ASP A 24 8.49 5.60 -4.21
C ASP A 24 7.90 5.05 -5.49
N GLN A 25 6.57 5.14 -5.60
CA GLN A 25 5.84 4.65 -6.76
C GLN A 25 5.93 5.56 -7.96
N SER A 26 6.39 6.80 -7.76
CA SER A 26 6.73 7.71 -8.85
C SER A 26 5.47 8.26 -9.52
N ARG A 27 5.57 8.69 -10.78
CA ARG A 27 4.42 9.25 -11.51
C ARG A 27 3.61 8.13 -12.11
N CYS A 28 3.16 7.21 -11.25
CA CYS A 28 2.46 6.02 -11.69
C CYS A 28 1.48 5.62 -10.61
N GLY A 29 0.24 5.32 -11.02
CA GLY A 29 -0.79 4.89 -10.11
C GLY A 29 -0.67 3.47 -9.62
N SER A 30 0.50 3.15 -9.08
CA SER A 30 0.85 1.77 -8.78
C SER A 30 0.88 1.46 -7.28
N CYS A 31 0.32 2.36 -6.48
CA CYS A 31 0.14 2.14 -5.05
C CYS A 31 -0.35 0.76 -4.67
N TRP A 32 -1.29 0.24 -5.45
CA TRP A 32 -1.78 -1.14 -5.25
C TRP A 32 -0.70 -2.19 -5.30
N ALA A 33 0.27 -1.98 -6.18
CA ALA A 33 1.35 -2.90 -6.47
C ALA A 33 2.47 -2.74 -5.43
N PHE A 34 2.61 -1.53 -4.94
CA PHE A 34 3.67 -1.24 -3.96
C PHE A 34 3.30 -1.76 -2.60
N GLY A 35 2.09 -1.49 -2.12
CA GLY A 35 1.69 -2.05 -0.81
C GLY A 35 1.81 -3.56 -0.78
N ALA A 36 1.58 -4.19 -1.94
CA ALA A 36 1.69 -5.62 -2.14
C ALA A 36 3.12 -6.16 -2.09
N VAL A 37 3.97 -5.75 -3.04
CA VAL A 37 5.35 -6.26 -3.06
C VAL A 37 6.13 -5.88 -1.83
N GLU A 38 5.79 -4.74 -1.21
CA GLU A 38 6.38 -4.36 0.06
C GLU A 38 6.11 -5.39 1.14
N ALA A 39 4.83 -5.63 1.40
CA ALA A 39 4.42 -6.54 2.46
C ALA A 39 4.78 -7.99 2.14
N MET A 40 4.81 -8.34 0.86
CA MET A 40 5.26 -9.69 0.48
C MET A 40 6.76 -9.82 0.70
N SER A 41 7.49 -8.76 0.43
CA SER A 41 8.93 -8.78 0.69
C SER A 41 9.15 -9.04 2.18
N ASP A 42 8.36 -8.35 3.02
CA ASP A 42 8.49 -8.46 4.47
C ASP A 42 8.17 -9.86 4.94
N ARG A 43 7.05 -10.38 4.45
CA ARG A 43 6.51 -11.67 4.89
C ARG A 43 7.39 -12.84 4.42
N SER A 44 7.95 -12.72 3.22
CA SER A 44 8.88 -13.70 2.71
C SER A 44 10.05 -13.90 3.69
N CYS A 45 10.53 -12.79 4.25
CA CYS A 45 11.60 -12.82 5.24
C CYS A 45 11.13 -13.28 6.61
N ILE A 46 9.98 -12.81 7.05
CA ILE A 46 9.51 -13.13 8.39
C ILE A 46 9.18 -14.61 8.51
N GLN A 47 8.42 -15.10 7.55
CA GLN A 47 7.84 -16.40 7.64
C GLN A 47 8.78 -17.47 7.12
N SER A 48 9.96 -17.07 6.66
CA SER A 48 11.01 -18.02 6.29
C SER A 48 12.19 -17.96 7.24
N GLY A 49 12.01 -17.40 8.44
CA GLY A 49 13.12 -17.16 9.40
C GLY A 49 14.34 -16.38 8.88
N GLY A 50 14.14 -15.48 7.93
CA GLY A 50 15.24 -14.62 7.44
C GLY A 50 15.95 -15.13 6.21
N LYS A 51 15.52 -16.31 5.74
CA LYS A 51 16.19 -17.05 4.66
C LYS A 51 16.03 -16.30 3.32
N GLN A 52 14.80 -16.00 2.94
CA GLN A 52 14.53 -15.06 1.83
C GLN A 52 14.59 -13.67 2.44
N ASN A 53 15.60 -12.89 2.09
CA ASN A 53 15.70 -11.52 2.53
C ASN A 53 15.86 -10.69 1.28
N VAL A 54 14.74 -10.24 0.74
CA VAL A 54 14.72 -9.72 -0.62
C VAL A 54 13.80 -8.53 -0.77
N GLU A 55 13.99 -7.85 -1.89
CA GLU A 55 13.15 -6.77 -2.34
C GLU A 55 12.44 -7.21 -3.60
N LEU A 56 11.14 -7.49 -3.48
CA LEU A 56 10.35 -7.93 -4.63
C LEU A 56 10.02 -6.76 -5.55
N SER A 57 9.93 -7.08 -6.85
CA SER A 57 9.86 -6.11 -7.91
C SER A 57 8.46 -5.56 -8.09
N ALA A 58 8.32 -4.25 -7.90
CA ALA A 58 7.07 -3.54 -8.14
C ALA A 58 6.67 -3.51 -9.63
N VAL A 59 7.63 -3.41 -10.53
CA VAL A 59 7.35 -3.36 -11.94
C VAL A 59 6.95 -4.71 -12.49
N ASP A 60 7.52 -5.78 -11.95
CA ASP A 60 7.07 -7.11 -12.37
C ASP A 60 5.59 -7.28 -12.12
N LEU A 61 5.15 -6.96 -10.91
CA LEU A 61 3.72 -7.12 -10.58
C LEU A 61 2.89 -6.16 -11.44
N LEU A 62 3.35 -4.92 -11.48
CA LEU A 62 2.61 -3.83 -12.13
C LEU A 62 2.33 -4.14 -13.61
N SER A 63 3.37 -4.63 -14.29
CA SER A 63 3.36 -4.85 -15.70
C SER A 63 2.74 -6.18 -16.10
N CYS A 64 2.92 -7.22 -15.28
CA CYS A 64 2.54 -8.57 -15.72
C CYS A 64 1.18 -9.05 -15.25
N CYS A 65 0.64 -8.47 -14.17
CA CYS A 65 -0.66 -8.93 -13.65
C CYS A 65 -1.84 -8.26 -14.33
N GLU A 66 -2.41 -8.98 -15.30
CA GLU A 66 -3.45 -8.45 -16.18
C GLU A 66 -4.76 -8.42 -15.42
N SER A 67 -4.89 -9.28 -14.41
CA SER A 67 -6.09 -9.33 -13.64
C SER A 67 -6.13 -8.36 -12.46
N CYS A 68 -5.08 -7.55 -12.34
CA CYS A 68 -4.90 -6.67 -11.19
C CYS A 68 -5.34 -5.25 -11.46
N GLY A 69 -5.83 -4.99 -12.67
CA GLY A 69 -6.29 -3.67 -13.04
C GLY A 69 -5.49 -3.16 -14.18
N LEU A 70 -5.28 -1.85 -14.23
CA LEU A 70 -4.68 -1.22 -15.40
C LEU A 70 -3.37 -0.53 -15.12
N GLY A 71 -2.52 -1.17 -14.32
CA GLY A 71 -1.16 -0.74 -14.11
C GLY A 71 -1.07 0.63 -13.47
N CYS A 72 -0.40 1.56 -14.15
CA CYS A 72 -0.29 2.95 -13.67
C CYS A 72 -1.60 3.72 -13.59
N GLU A 73 -2.71 3.16 -14.08
CA GLU A 73 -4.01 3.77 -13.90
C GLU A 73 -4.72 3.37 -12.60
N GLY A 74 -4.22 2.33 -11.94
CA GLY A 74 -4.81 1.90 -10.65
C GLY A 74 -5.01 0.42 -10.70
N GLY A 75 -5.36 -0.19 -9.58
CA GLY A 75 -5.53 -1.60 -9.49
C GLY A 75 -6.29 -2.06 -8.27
N ILE A 76 -6.30 -3.37 -8.11
CA ILE A 76 -7.07 -4.08 -7.11
C ILE A 76 -6.14 -4.94 -6.26
N LEU A 77 -6.47 -5.09 -4.99
CA LEU A 77 -5.53 -5.62 -3.99
C LEU A 77 -5.51 -7.14 -3.94
N GLY A 78 -6.69 -7.72 -3.76
CA GLY A 78 -6.85 -9.19 -3.67
C GLY A 78 -6.17 -9.94 -4.82
N PRO A 79 -6.41 -9.52 -6.05
CA PRO A 79 -5.75 -10.10 -7.22
C PRO A 79 -4.22 -10.03 -7.25
N ALA A 80 -3.63 -8.99 -6.66
CA ALA A 80 -2.16 -8.88 -6.63
C ALA A 80 -1.58 -9.99 -5.80
N TRP A 81 -2.26 -10.32 -4.69
CA TRP A 81 -1.84 -11.40 -3.83
C TRP A 81 -2.08 -12.77 -4.46
N ASP A 82 -3.19 -12.90 -5.22
CA ASP A 82 -3.47 -14.12 -6.00
C ASP A 82 -2.38 -14.34 -7.05
N TYR A 83 -1.93 -13.27 -7.69
CA TYR A 83 -0.85 -13.35 -8.66
C TYR A 83 0.46 -13.84 -8.03
N TRP A 84 0.74 -13.37 -6.84
CA TRP A 84 1.94 -13.74 -6.11
C TRP A 84 1.91 -15.24 -5.79
N VAL A 85 0.73 -15.74 -5.41
CA VAL A 85 0.54 -17.13 -5.07
C VAL A 85 0.69 -18.02 -6.30
N LYS A 86 0.02 -17.62 -7.39
CA LYS A 86 -0.01 -18.43 -8.61
C LYS A 86 1.24 -18.30 -9.49
N GLU A 87 1.68 -17.08 -9.77
CA GLU A 87 2.83 -16.84 -10.66
C GLU A 87 4.12 -16.42 -9.94
N GLY A 88 4.00 -15.84 -8.75
CA GLY A 88 5.19 -15.35 -8.04
C GLY A 88 5.66 -14.05 -8.63
N ILE A 89 6.66 -13.45 -7.99
CA ILE A 89 7.21 -12.15 -8.35
C ILE A 89 8.75 -12.19 -8.15
N VAL A 90 9.47 -11.65 -9.11
CA VAL A 90 10.91 -11.55 -9.04
C VAL A 90 11.38 -10.40 -8.15
N THR A 91 12.69 -10.30 -7.99
CA THR A 91 13.29 -9.26 -7.15
C THR A 91 13.51 -8.05 -7.98
N GLY A 92 13.74 -6.92 -7.31
CA GLY A 92 13.88 -5.64 -7.98
C GLY A 92 13.74 -4.43 -7.05
N SER A 93 14.75 -3.58 -7.06
CA SER A 93 14.84 -2.45 -6.14
C SER A 93 14.28 -1.22 -6.83
N SER A 94 14.56 -0.06 -6.26
CA SER A 94 14.22 1.19 -6.89
C SER A 94 15.10 1.40 -8.13
N LYS A 95 14.75 2.41 -8.91
CA LYS A 95 15.49 2.73 -10.11
C LYS A 95 16.92 3.12 -9.78
N GLU A 96 17.06 4.02 -8.81
CA GLU A 96 18.34 4.55 -8.35
C GLU A 96 19.34 3.48 -7.87
N ASN A 97 18.86 2.45 -7.18
CA ASN A 97 19.75 1.41 -6.67
C ASN A 97 19.98 0.32 -7.70
N HIS A 98 19.10 0.29 -8.71
CA HIS A 98 19.24 -0.62 -9.87
C HIS A 98 19.79 -2.00 -9.50
N ALA A 99 19.12 -2.66 -8.56
CA ALA A 99 19.51 -4.00 -8.14
C ALA A 99 18.40 -5.03 -8.35
N GLY A 100 18.76 -6.30 -8.27
CA GLY A 100 17.82 -7.40 -8.46
C GLY A 100 17.42 -7.60 -9.91
N CYS A 101 16.49 -8.54 -10.12
CA CYS A 101 16.07 -8.95 -11.46
C CYS A 101 15.45 -7.81 -12.25
N GLU A 102 14.41 -7.16 -11.72
CA GLU A 102 13.74 -6.05 -12.42
C GLU A 102 13.52 -4.81 -11.55
N PRO A 103 14.49 -3.88 -11.56
CA PRO A 103 14.33 -2.65 -10.82
C PRO A 103 13.35 -1.68 -11.42
N TYR A 104 12.84 -0.78 -10.59
CA TYR A 104 11.73 0.09 -10.96
C TYR A 104 12.22 1.04 -12.04
N PRO A 105 11.47 1.19 -13.15
CA PRO A 105 11.94 2.06 -14.23
C PRO A 105 11.72 3.54 -14.01
N PHE A 106 11.01 3.96 -12.96
CA PHE A 106 10.67 5.36 -12.80
C PHE A 106 11.42 5.98 -11.64
N PRO A 107 11.78 7.29 -11.77
CA PRO A 107 12.54 7.99 -10.72
C PRO A 107 11.71 8.53 -9.56
N LYS A 108 12.34 8.60 -8.38
CA LYS A 108 11.72 9.25 -7.23
C LYS A 108 11.27 10.66 -7.59
N CYS A 109 10.22 11.13 -6.92
CA CYS A 109 9.68 12.47 -7.08
C CYS A 109 8.85 12.83 -5.85
N GLU A 110 8.60 14.12 -5.65
CA GLU A 110 7.85 14.59 -4.49
C GLU A 110 6.35 14.56 -4.77
N HIS A 111 5.61 13.97 -3.84
CA HIS A 111 4.17 13.79 -3.97
C HIS A 111 3.45 14.80 -3.08
N HIS A 112 3.18 15.98 -3.64
CA HIS A 112 2.47 17.09 -2.97
C HIS A 112 3.09 17.55 -1.66
N THR A 113 4.41 17.58 -1.66
CA THR A 113 5.20 17.96 -0.50
C THR A 113 6.53 18.51 -0.95
N LYS A 114 7.24 19.10 0.01
CA LYS A 114 8.54 19.73 -0.24
C LYS A 114 9.67 18.73 0.02
N GLY A 115 10.70 18.77 -0.83
CA GLY A 115 11.86 17.97 -0.57
C GLY A 115 12.96 18.07 -1.61
N LYS A 116 13.85 17.11 -1.57
CA LYS A 116 15.02 17.12 -2.45
C LYS A 116 14.81 16.62 -3.87
N TYR A 117 13.70 15.94 -4.14
CA TYR A 117 13.47 15.33 -5.46
C TYR A 117 12.66 16.32 -6.29
N PRO A 118 12.60 16.10 -7.62
CA PRO A 118 11.73 16.95 -8.43
C PRO A 118 10.26 16.69 -8.11
N PRO A 119 9.40 17.69 -8.26
CA PRO A 119 7.95 17.46 -8.07
C PRO A 119 7.48 16.38 -9.03
N CYS A 120 6.53 15.57 -8.61
CA CYS A 120 5.93 14.58 -9.49
C CYS A 120 5.05 15.26 -10.53
N GLY A 121 4.33 16.28 -10.09
CA GLY A 121 3.32 16.90 -10.92
C GLY A 121 2.16 15.97 -11.10
N SER A 122 1.37 16.22 -12.13
CA SER A 122 0.11 15.51 -12.37
C SER A 122 0.18 14.46 -13.48
N LYS A 123 1.23 14.49 -14.30
CA LYS A 123 1.34 13.56 -15.44
C LYS A 123 1.64 12.14 -14.99
N ILE A 124 1.08 11.15 -15.69
CA ILE A 124 1.17 9.75 -15.33
C ILE A 124 1.83 8.98 -16.46
N TYR A 125 2.82 8.15 -16.16
CA TYR A 125 3.48 7.33 -17.18
C TYR A 125 2.55 6.23 -17.66
N LYS A 126 2.83 5.73 -18.86
CA LYS A 126 2.16 4.54 -19.38
C LYS A 126 2.73 3.31 -18.66
N THR A 127 1.88 2.33 -18.42
CA THR A 127 2.26 1.09 -17.74
C THR A 127 3.42 0.44 -18.49
N PRO A 128 4.50 0.08 -17.77
CA PRO A 128 5.59 -0.61 -18.47
C PRO A 128 5.19 -1.99 -18.97
N ARG A 129 5.91 -2.50 -19.96
CA ARG A 129 5.52 -3.77 -20.59
C ARG A 129 6.06 -4.90 -19.74
N CYS A 130 5.37 -6.03 -19.76
CA CYS A 130 5.80 -7.24 -19.06
C CYS A 130 7.00 -7.90 -19.76
N LYS A 131 8.19 -7.67 -19.21
CA LYS A 131 9.43 -8.13 -19.86
C LYS A 131 9.79 -9.59 -19.62
N GLN A 132 9.62 -10.06 -18.39
CA GLN A 132 10.01 -11.45 -18.05
C GLN A 132 11.49 -11.79 -18.35
N THR A 133 12.36 -10.78 -18.33
CA THR A 133 13.82 -10.96 -18.42
C THR A 133 14.47 -10.09 -17.33
N CYS A 134 15.48 -10.61 -16.65
CA CYS A 134 16.19 -9.81 -15.64
C CYS A 134 17.11 -8.87 -16.40
N GLN A 135 17.61 -7.85 -15.72
CA GLN A 135 18.64 -6.97 -16.28
C GLN A 135 19.88 -7.83 -16.49
N LYS A 136 20.77 -7.41 -17.40
CA LYS A 136 21.90 -8.29 -17.82
C LYS A 136 22.89 -8.58 -16.71
N LYS A 137 23.18 -7.59 -15.88
CA LYS A 137 24.07 -7.80 -14.72
C LYS A 137 23.52 -8.68 -13.57
N TYR A 138 22.25 -9.12 -13.63
CA TYR A 138 21.66 -9.99 -12.60
C TYR A 138 21.77 -11.47 -13.00
N LYS A 139 22.30 -12.29 -12.10
CA LYS A 139 22.80 -13.63 -12.46
C LYS A 139 21.82 -14.78 -12.31
N THR A 140 20.53 -14.50 -12.23
CA THR A 140 19.52 -15.57 -12.18
C THR A 140 18.53 -15.33 -13.31
N PRO A 141 18.01 -16.39 -13.93
CA PRO A 141 16.94 -16.16 -14.91
C PRO A 141 15.61 -15.79 -14.27
N TYR A 142 14.86 -14.93 -14.96
CA TYR A 142 13.56 -14.49 -14.50
C TYR A 142 12.79 -15.66 -13.86
N THR A 143 12.57 -16.73 -14.62
CA THR A 143 11.72 -17.86 -14.20
C THR A 143 12.10 -18.43 -12.84
N GLN A 144 13.39 -18.35 -12.52
CA GLN A 144 13.92 -18.93 -11.31
C GLN A 144 14.13 -17.90 -10.16
N ASP A 145 14.09 -16.60 -10.47
CA ASP A 145 14.05 -15.55 -9.44
C ASP A 145 12.67 -15.35 -8.82
N LYS A 146 11.67 -16.12 -9.27
CA LYS A 146 10.29 -15.93 -8.85
C LYS A 146 10.13 -16.36 -7.40
N HIS A 147 9.57 -15.48 -6.59
CA HIS A 147 9.12 -15.80 -5.22
C HIS A 147 7.57 -15.91 -5.18
N ARG A 148 7.05 -17.06 -4.78
CA ARG A 148 5.63 -17.33 -4.73
C ARG A 148 5.20 -17.41 -3.29
N GLY A 149 3.93 -17.09 -3.05
CA GLY A 149 3.29 -17.34 -1.76
C GLY A 149 2.45 -18.59 -1.88
N LYS A 150 1.87 -19.01 -0.76
CA LYS A 150 1.00 -20.19 -0.74
C LYS A 150 -0.49 -19.84 -0.64
N SER A 151 -0.81 -18.86 0.20
CA SER A 151 -2.21 -18.39 0.34
C SER A 151 -2.35 -16.89 0.14
N SER A 152 -3.57 -16.46 -0.12
CA SER A 152 -3.92 -15.04 -0.10
C SER A 152 -5.35 -14.87 0.37
N TYR A 153 -5.58 -13.84 1.15
CA TYR A 153 -6.86 -13.67 1.80
C TYR A 153 -7.08 -12.21 2.16
N ASN A 154 -8.35 -11.87 2.38
CA ASN A 154 -8.72 -10.68 3.08
C ASN A 154 -8.69 -10.93 4.56
N VAL A 155 -8.43 -9.87 5.30
CA VAL A 155 -8.45 -9.93 6.75
C VAL A 155 -9.76 -9.29 7.18
N LYS A 156 -10.43 -9.92 8.14
CA LYS A 156 -11.64 -9.40 8.75
C LYS A 156 -11.56 -7.90 9.05
N ASN A 157 -12.65 -7.16 8.82
CA ASN A 157 -12.74 -5.74 9.20
C ASN A 157 -12.95 -5.59 10.71
N ASP A 158 -11.89 -5.88 11.47
CA ASP A 158 -11.90 -5.81 12.91
C ASP A 158 -10.50 -5.47 13.40
N GLU A 159 -10.37 -4.42 14.21
CA GLU A 159 -9.08 -3.89 14.72
C GLU A 159 -8.19 -4.99 15.29
N LYS A 160 -8.77 -5.77 16.22
CA LYS A 160 -8.05 -6.83 16.90
C LYS A 160 -7.61 -7.93 15.97
N ALA A 161 -8.42 -8.26 14.96
CA ALA A 161 -8.01 -9.28 14.01
C ALA A 161 -6.86 -8.78 13.15
N ILE A 162 -6.90 -7.49 12.84
CA ILE A 162 -5.85 -6.89 12.01
C ILE A 162 -4.53 -6.83 12.81
N GLN A 163 -4.66 -6.55 14.10
CA GLN A 163 -3.52 -6.49 14.99
C GLN A 163 -2.85 -7.84 15.17
N LYS A 164 -3.65 -8.88 15.35
CA LYS A 164 -3.17 -10.25 15.52
C LYS A 164 -2.53 -10.76 14.25
N GLU A 165 -3.14 -10.48 13.12
CA GLU A 165 -2.52 -10.80 11.83
C GLU A 165 -1.14 -10.16 11.68
N ILE A 166 -1.02 -8.87 11.96
CA ILE A 166 0.26 -8.17 11.80
C ILE A 166 1.37 -8.72 12.69
N MET A 167 1.03 -8.90 13.96
CA MET A 167 2.00 -9.29 14.97
C MET A 167 2.51 -10.70 14.74
N LYS A 168 1.64 -11.59 14.28
CA LYS A 168 2.04 -12.97 14.05
C LYS A 168 2.69 -13.19 12.68
N TYR A 169 2.08 -12.64 11.65
CA TYR A 169 2.48 -12.97 10.28
C TYR A 169 3.16 -11.81 9.53
N GLY A 170 3.06 -10.59 10.02
CA GLY A 170 3.80 -9.46 9.47
C GLY A 170 2.96 -8.37 8.84
N PRO A 171 3.59 -7.33 8.34
CA PRO A 171 2.85 -6.22 7.74
C PRO A 171 1.87 -6.63 6.64
N VAL A 172 0.78 -5.88 6.54
CA VAL A 172 -0.32 -6.16 5.65
C VAL A 172 -0.47 -5.04 4.67
N GLU A 173 -1.12 -5.30 3.55
CA GLU A 173 -1.54 -4.23 2.61
C GLU A 173 -2.95 -3.79 3.00
N ALA A 174 -3.23 -2.49 2.86
CA ALA A 174 -4.55 -1.98 3.17
C ALA A 174 -4.91 -0.85 2.22
N GLY A 175 -6.19 -0.76 1.91
CA GLY A 175 -6.73 0.35 1.15
C GLY A 175 -7.40 1.36 2.09
N PHE A 176 -7.30 2.65 1.75
CA PHE A 176 -8.12 3.69 2.40
C PHE A 176 -8.54 4.79 1.44
N THR A 177 -9.58 5.52 1.82
CA THR A 177 -10.13 6.59 0.98
C THR A 177 -9.30 7.84 1.21
N VAL A 178 -8.85 8.45 0.12
CA VAL A 178 -8.08 9.66 0.18
C VAL A 178 -8.99 10.88 -0.01
N TYR A 179 -8.87 11.82 0.91
CA TYR A 179 -9.56 13.10 0.85
C TYR A 179 -8.51 14.14 0.68
N GLU A 180 -8.91 15.37 0.31
CA GLU A 180 -7.93 16.41 -0.12
C GLU A 180 -6.99 16.79 1.01
N ASP A 181 -7.53 16.77 2.24
CA ASP A 181 -6.69 17.11 3.42
C ASP A 181 -5.59 16.13 3.71
N PHE A 182 -5.63 14.93 3.13
CA PHE A 182 -4.50 13.99 3.25
C PHE A 182 -3.23 14.48 2.52
N LEU A 183 -3.41 15.28 1.46
CA LEU A 183 -2.30 15.78 0.63
C LEU A 183 -1.48 16.87 1.32
N ASN A 184 -2.04 17.48 2.34
CA ASN A 184 -1.35 18.43 3.18
C ASN A 184 -0.78 17.83 4.43
N TYR A 185 -0.83 16.50 4.60
CA TYR A 185 -0.29 15.84 5.76
C TYR A 185 1.20 16.00 5.86
N LYS A 186 1.67 16.50 7.01
CA LYS A 186 3.09 16.59 7.28
C LYS A 186 3.44 15.67 8.41
N SER A 187 2.63 15.67 9.48
CA SER A 187 2.88 14.84 10.66
C SER A 187 1.66 14.77 11.58
N GLY A 188 1.75 13.90 12.60
CA GLY A 188 0.65 13.67 13.55
C GLY A 188 -0.20 12.44 13.20
N ILE A 189 -1.26 12.26 13.95
CA ILE A 189 -2.27 11.26 13.65
C ILE A 189 -3.31 11.85 12.72
N TYR A 190 -3.41 11.35 11.49
CA TYR A 190 -4.35 11.88 10.50
C TYR A 190 -5.77 11.40 10.71
N LYS A 191 -6.72 12.28 10.40
CA LYS A 191 -8.11 11.86 10.25
C LYS A 191 -8.79 12.84 9.30
N HIS A 192 -9.77 12.36 8.55
CA HIS A 192 -10.44 13.20 7.56
C HIS A 192 -11.22 14.32 8.22
N ILE A 193 -10.80 15.57 7.99
CA ILE A 193 -11.54 16.74 8.51
C ILE A 193 -12.20 17.55 7.37
N THR A 194 -11.38 18.02 6.43
CA THR A 194 -11.86 18.75 5.28
C THR A 194 -11.53 18.00 3.99
N GLY A 195 -12.15 18.42 2.90
CA GLY A 195 -11.77 17.97 1.57
C GLY A 195 -12.68 16.93 1.00
N GLU A 196 -12.66 16.81 -0.32
CA GLU A 196 -13.55 15.87 -1.03
C GLU A 196 -12.72 14.70 -1.45
N THR A 197 -13.39 13.59 -1.72
CA THR A 197 -12.68 12.35 -2.02
C THR A 197 -11.98 12.43 -3.38
N LEU A 198 -10.71 12.01 -3.38
CA LEU A 198 -9.91 11.92 -4.60
C LEU A 198 -9.72 10.51 -5.10
N GLY A 199 -10.29 9.51 -4.44
CA GLY A 199 -10.01 8.13 -4.81
C GLY A 199 -9.59 7.30 -3.63
N GLY A 200 -8.99 6.16 -3.91
CA GLY A 200 -8.44 5.31 -2.88
C GLY A 200 -6.95 5.17 -3.06
N HIS A 201 -6.29 4.77 -1.99
CA HIS A 201 -4.85 4.57 -2.00
C HIS A 201 -4.67 3.26 -1.31
N ALA A 202 -3.53 2.64 -1.54
CA ALA A 202 -3.15 1.36 -0.99
C ALA A 202 -1.72 1.47 -0.40
N ILE A 203 -1.58 1.02 0.84
CA ILE A 203 -0.36 1.24 1.66
C ILE A 203 -0.09 0.00 2.48
N ARG A 204 0.93 0.05 3.34
CA ARG A 204 1.38 -1.06 4.18
C ARG A 204 1.29 -0.74 5.66
N ILE A 205 0.47 -1.47 6.40
CA ILE A 205 0.33 -1.20 7.82
C ILE A 205 1.38 -2.08 8.49
N ILE A 206 2.24 -1.47 9.27
CA ILE A 206 3.32 -2.18 9.90
C ILE A 206 3.23 -2.21 11.43
N GLY A 207 2.23 -1.56 12.02
CA GLY A 207 2.14 -1.50 13.47
C GLY A 207 1.07 -0.59 13.98
N TRP A 208 1.10 -0.35 15.27
CA TRP A 208 0.17 0.59 15.91
C TRP A 208 0.75 1.15 17.17
N GLY A 209 0.08 2.16 17.70
CA GLY A 209 0.56 2.77 18.93
C GLY A 209 -0.49 3.66 19.54
N VAL A 210 -0.07 4.43 20.53
CA VAL A 210 -1.02 5.28 21.25
C VAL A 210 -0.22 6.49 21.70
N GLU A 211 -0.76 7.68 21.47
CA GLU A 211 -0.10 8.93 21.83
C GLU A 211 -1.12 9.76 22.60
N ASN A 212 -0.85 9.91 23.90
CA ASN A 212 -1.74 10.59 24.85
C ASN A 212 -3.11 9.97 24.79
N LYS A 213 -3.11 8.63 24.72
CA LYS A 213 -4.29 7.80 24.69
C LYS A 213 -4.97 7.67 23.32
N ALA A 214 -4.57 8.48 22.35
CA ALA A 214 -5.16 8.40 21.00
C ALA A 214 -4.57 7.21 20.22
N PRO A 215 -5.41 6.22 19.89
CA PRO A 215 -4.88 5.05 19.18
C PRO A 215 -4.68 5.34 17.69
N TYR A 216 -3.58 4.84 17.11
CA TYR A 216 -3.32 5.00 15.70
C TYR A 216 -2.74 3.74 15.09
N TRP A 217 -2.79 3.66 13.75
CA TRP A 217 -2.04 2.64 13.01
C TRP A 217 -0.81 3.35 12.51
N LEU A 218 0.30 2.60 12.40
CA LEU A 218 1.54 3.11 11.82
C LEU A 218 1.67 2.52 10.43
N ILE A 219 1.77 3.38 9.43
CA ILE A 219 1.61 2.99 8.06
C ILE A 219 2.76 3.52 7.20
N ALA A 220 3.33 2.65 6.36
CA ALA A 220 4.33 3.09 5.36
C ALA A 220 3.61 3.49 4.09
N ASN A 221 3.83 4.73 3.65
CA ASN A 221 3.38 5.19 2.34
C ASN A 221 4.48 4.94 1.31
N SER A 222 4.10 5.02 0.04
CA SER A 222 5.03 4.81 -1.11
C SER A 222 5.31 6.10 -1.92
N TRP A 223 5.44 7.22 -1.21
CA TRP A 223 5.78 8.52 -1.78
C TRP A 223 7.17 9.02 -1.36
N ASN A 224 8.10 8.08 -1.12
CA ASN A 224 9.46 8.36 -0.70
C ASN A 224 9.57 8.93 0.72
N GLU A 225 10.80 9.01 1.17
CA GLU A 225 11.14 9.31 2.57
C GLU A 225 10.92 10.78 2.98
N ASP A 226 10.68 11.68 2.04
CA ASP A 226 10.52 13.10 2.33
C ASP A 226 9.09 13.41 2.75
N TRP A 227 8.17 12.51 2.42
CA TRP A 227 6.76 12.67 2.71
C TRP A 227 6.47 12.27 4.14
N GLY A 228 5.63 13.08 4.80
CA GLY A 228 5.08 12.72 6.10
C GLY A 228 6.14 12.52 7.14
N GLU A 229 5.92 11.56 8.03
CA GLU A 229 6.89 11.25 9.04
C GLU A 229 7.95 10.28 8.51
N ASN A 230 8.84 10.77 7.67
CA ASN A 230 9.99 10.00 7.13
C ASN A 230 9.54 8.90 6.23
N GLY A 231 8.50 9.21 5.45
CA GLY A 231 7.87 8.26 4.56
C GLY A 231 6.67 7.51 5.11
N TYR A 232 6.43 7.65 6.42
CA TYR A 232 5.33 6.98 7.10
C TYR A 232 4.25 7.97 7.47
N PHE A 233 3.08 7.47 7.82
CA PHE A 233 2.13 8.34 8.51
C PHE A 233 1.40 7.52 9.55
N ARG A 234 0.55 8.19 10.32
CA ARG A 234 -0.24 7.57 11.37
C ARG A 234 -1.68 8.03 11.16
N ILE A 235 -2.62 7.13 11.42
CA ILE A 235 -4.01 7.40 11.16
C ILE A 235 -4.80 6.82 12.33
N VAL A 236 -5.91 7.48 12.65
CA VAL A 236 -6.80 7.01 13.72
C VAL A 236 -7.08 5.50 13.57
N ARG A 237 -6.97 4.76 14.68
CA ARG A 237 -7.23 3.35 14.72
C ARG A 237 -8.46 3.06 15.57
N GLY A 238 -9.31 2.16 15.10
CA GLY A 238 -10.47 1.70 15.85
C GLY A 238 -11.82 2.19 15.36
N ARG A 239 -11.84 3.19 14.47
CA ARG A 239 -13.09 3.81 13.94
C ARG A 239 -13.32 3.60 12.47
N ASP A 240 -12.50 2.74 11.86
CA ASP A 240 -12.51 2.53 10.39
C ASP A 240 -12.31 3.85 9.67
N GLU A 241 -11.38 4.65 10.18
CA GLU A 241 -11.09 5.98 9.58
C GLU A 241 -10.69 5.88 8.10
N CYS A 242 -11.48 6.52 7.25
CA CYS A 242 -11.35 6.40 5.79
C CYS A 242 -11.26 4.99 5.34
N SER A 243 -11.99 4.10 6.01
CA SER A 243 -12.04 2.70 5.68
C SER A 243 -10.72 1.94 5.76
N ILE A 244 -9.84 2.44 6.62
CA ILE A 244 -8.54 1.83 6.86
C ILE A 244 -8.55 0.38 7.40
N GLU A 245 -9.61 0.00 8.10
CA GLU A 245 -9.80 -1.39 8.55
C GLU A 245 -10.61 -2.30 7.61
N SER A 246 -11.12 -1.78 6.49
CA SER A 246 -12.06 -2.50 5.62
C SER A 246 -11.48 -3.13 4.35
N GLU A 247 -10.23 -2.84 3.99
CA GLU A 247 -9.64 -3.31 2.74
C GLU A 247 -8.26 -3.92 2.96
N VAL A 248 -8.14 -4.74 4.00
CA VAL A 248 -6.91 -5.33 4.41
C VAL A 248 -6.72 -6.66 3.68
N THR A 249 -5.60 -6.77 2.99
CA THR A 249 -5.27 -7.93 2.19
C THR A 249 -3.84 -8.38 2.55
N ALA A 250 -3.66 -9.70 2.65
CA ALA A 250 -2.38 -10.28 3.02
C ALA A 250 -2.33 -11.72 2.49
N GLY A 251 -1.31 -12.45 2.89
CA GLY A 251 -1.05 -13.79 2.34
C GLY A 251 0.13 -14.36 3.08
N ARG A 252 0.28 -15.69 2.99
CA ARG A 252 1.41 -16.37 3.67
C ARG A 252 2.22 -17.18 2.69
N ILE A 253 3.51 -17.39 2.96
CA ILE A 253 4.34 -18.24 2.05
C ILE A 253 4.23 -19.75 2.30
N ASN A 254 3.61 -20.14 3.42
CA ASN A 254 3.54 -21.54 3.79
C ASN A 254 2.31 -21.81 4.63
N VAL B 1 -21.37 17.27 40.84
CA VAL B 1 -22.27 16.52 39.92
C VAL B 1 -21.50 15.39 39.24
N GLU B 2 -22.01 15.04 38.06
CA GLU B 2 -21.39 14.11 37.15
C GLU B 2 -20.65 14.84 36.03
N ILE B 3 -19.36 14.54 35.87
CA ILE B 3 -18.46 15.25 34.97
C ILE B 3 -18.65 14.75 33.54
N PRO B 4 -18.97 15.66 32.61
CA PRO B 4 -19.09 15.30 31.23
C PRO B 4 -17.73 15.12 30.58
N SER B 5 -17.73 14.47 29.44
CA SER B 5 -16.49 14.08 28.78
C SER B 5 -15.86 15.35 28.18
N SER B 6 -16.69 16.35 27.94
CA SER B 6 -16.18 17.67 27.51
C SER B 6 -16.96 18.79 28.19
N PHE B 7 -16.33 19.96 28.25
CA PHE B 7 -16.94 21.15 28.86
C PHE B 7 -16.23 22.40 28.32
N ASP B 8 -17.02 23.40 27.99
CA ASP B 8 -16.53 24.71 27.58
C ASP B 8 -17.25 25.82 28.35
N SER B 9 -16.54 26.58 29.20
CA SER B 9 -17.17 27.65 30.00
C SER B 9 -17.87 28.68 29.16
N ARG B 10 -17.38 28.87 27.94
CA ARG B 10 -17.94 29.90 27.08
C ARG B 10 -19.35 29.54 26.66
N LYS B 11 -19.63 28.26 26.62
CA LYS B 11 -20.92 27.81 26.14
C LYS B 11 -21.89 27.66 27.25
N LYS B 12 -21.42 27.39 28.46
CA LYS B 12 -22.33 27.30 29.62
C LYS B 12 -22.85 28.67 30.02
N TRP B 13 -21.99 29.69 29.91
CA TRP B 13 -22.30 31.01 30.36
C TRP B 13 -22.04 32.02 29.24
N PRO B 14 -22.75 31.89 28.12
CA PRO B 14 -22.53 32.80 27.01
C PRO B 14 -22.84 34.29 27.24
N ARG B 15 -23.61 34.65 28.25
CA ARG B 15 -23.83 36.07 28.56
C ARG B 15 -22.57 36.77 29.07
N CYS B 16 -21.68 35.98 29.68
CA CYS B 16 -20.49 36.49 30.28
C CYS B 16 -19.42 36.59 29.18
N LYS B 17 -19.25 37.79 28.64
CA LYS B 17 -18.45 38.02 27.44
C LYS B 17 -16.94 37.85 27.72
N SER B 18 -16.52 38.20 28.93
CA SER B 18 -15.12 38.07 29.35
C SER B 18 -14.62 36.64 29.15
N ILE B 19 -15.48 35.65 29.32
CA ILE B 19 -15.05 34.26 29.24
C ILE B 19 -14.38 33.93 27.93
N ALA B 20 -14.85 34.55 26.85
CA ALA B 20 -14.38 34.27 25.52
C ALA B 20 -13.42 35.32 25.01
N THR B 21 -13.01 36.24 25.87
CA THR B 21 -12.09 37.30 25.48
C THR B 21 -10.66 36.85 25.69
N ILE B 22 -9.83 37.10 24.71
CA ILE B 22 -8.42 36.77 24.78
C ILE B 22 -7.73 38.11 24.87
N ARG B 23 -6.97 38.29 25.95
CA ARG B 23 -6.16 39.49 26.17
C ARG B 23 -4.70 39.31 25.75
N ASP B 24 -3.93 40.40 25.85
CA ASP B 24 -2.51 40.43 25.53
C ASP B 24 -1.76 41.17 26.61
N GLN B 25 -0.92 40.44 27.34
CA GLN B 25 -0.08 41.02 28.38
C GLN B 25 1.07 41.92 27.88
N SER B 26 1.35 41.87 26.58
CA SER B 26 2.34 42.76 25.97
C SER B 26 3.78 42.42 26.41
N ARG B 27 4.68 43.39 26.39
CA ARG B 27 6.09 43.18 26.74
C ARG B 27 6.25 43.34 28.23
N CYS B 28 5.50 42.53 28.97
CA CYS B 28 5.47 42.64 30.42
C CYS B 28 5.19 41.27 31.02
N GLY B 29 5.99 40.90 32.03
CA GLY B 29 5.88 39.59 32.69
C GLY B 29 4.67 39.51 33.60
N SER B 30 3.51 39.92 33.09
CA SER B 30 2.32 40.06 33.91
C SER B 30 1.33 38.91 33.79
N CYS B 31 1.75 37.81 33.18
CA CYS B 31 0.89 36.61 33.04
C CYS B 31 0.15 36.27 34.32
N TRP B 32 0.85 36.36 35.46
CA TRP B 32 0.26 36.06 36.75
C TRP B 32 -0.97 36.91 37.00
N ALA B 33 -0.90 38.18 36.59
CA ALA B 33 -1.89 39.18 36.80
C ALA B 33 -3.06 39.01 35.79
N PHE B 34 -2.72 38.56 34.59
CA PHE B 34 -3.72 38.37 33.55
C PHE B 34 -4.61 37.14 33.78
N GLY B 35 -4.02 35.99 34.11
CA GLY B 35 -4.80 34.81 34.41
C GLY B 35 -5.76 35.08 35.54
N ALA B 36 -5.31 35.90 36.49
CA ALA B 36 -6.14 36.30 37.64
C ALA B 36 -7.33 37.18 37.26
N VAL B 37 -7.07 38.37 36.73
CA VAL B 37 -8.18 39.28 36.41
C VAL B 37 -9.12 38.73 35.36
N GLU B 38 -8.60 37.89 34.47
CA GLU B 38 -9.43 37.21 33.47
C GLU B 38 -10.47 36.26 34.14
N ALA B 39 -9.98 35.35 34.96
CA ALA B 39 -10.86 34.45 35.70
C ALA B 39 -11.73 35.13 36.74
N MET B 40 -11.25 36.18 37.38
CA MET B 40 -12.08 36.95 38.30
C MET B 40 -13.17 37.71 37.54
N SER B 41 -12.85 38.25 36.37
CA SER B 41 -13.86 38.82 35.51
C SER B 41 -14.95 37.80 35.22
N ASP B 42 -14.55 36.59 34.82
CA ASP B 42 -15.51 35.55 34.50
C ASP B 42 -16.38 35.17 35.67
N ARG B 43 -15.75 34.98 36.82
CA ARG B 43 -16.39 34.52 38.04
C ARG B 43 -17.33 35.55 38.64
N SER B 44 -16.93 36.82 38.57
CA SER B 44 -17.81 37.90 38.99
C SER B 44 -19.15 37.89 38.24
N CYS B 45 -19.10 37.67 36.92
CA CYS B 45 -20.34 37.49 36.11
C CYS B 45 -21.10 36.18 36.36
N ILE B 46 -20.39 35.07 36.45
CA ILE B 46 -21.04 33.78 36.61
C ILE B 46 -21.76 33.71 37.96
N GLN B 47 -21.04 34.08 39.00
CA GLN B 47 -21.49 33.82 40.36
C GLN B 47 -22.41 34.93 40.84
N SER B 48 -22.59 35.95 40.03
CA SER B 48 -23.54 37.00 40.33
C SER B 48 -24.75 37.00 39.40
N GLY B 49 -25.04 35.86 38.76
CA GLY B 49 -26.08 35.78 37.74
C GLY B 49 -26.04 36.83 36.62
N GLY B 50 -24.86 37.34 36.28
CA GLY B 50 -24.72 38.26 35.13
C GLY B 50 -24.75 39.75 35.47
N LYS B 51 -24.92 40.03 36.76
CA LYS B 51 -25.13 41.38 37.28
C LYS B 51 -23.86 42.23 37.15
N GLN B 52 -22.74 41.69 37.65
CA GLN B 52 -21.42 42.22 37.30
C GLN B 52 -21.04 41.57 35.98
N ASN B 53 -20.95 42.37 34.93
CA ASN B 53 -20.49 41.90 33.65
C ASN B 53 -19.41 42.88 33.24
N VAL B 54 -18.18 42.58 33.68
CA VAL B 54 -17.09 43.53 33.62
C VAL B 54 -15.75 42.92 33.20
N GLU B 55 -14.86 43.83 32.86
CA GLU B 55 -13.49 43.50 32.52
C GLU B 55 -12.59 44.11 33.57
N LEU B 56 -12.01 43.26 34.44
CA LEU B 56 -11.17 43.75 35.53
C LEU B 56 -9.78 44.12 35.06
N SER B 57 -9.20 45.11 35.74
CA SER B 57 -8.04 45.80 35.26
C SER B 57 -6.75 45.07 35.59
N ALA B 58 -6.04 44.66 34.53
CA ALA B 58 -4.77 43.96 34.71
C ALA B 58 -3.72 44.89 35.32
N VAL B 59 -3.75 46.18 34.97
CA VAL B 59 -2.75 47.11 35.43
C VAL B 59 -2.95 47.46 36.90
N ASP B 60 -4.18 47.51 37.33
CA ASP B 60 -4.46 47.76 38.72
C ASP B 60 -3.84 46.70 39.60
N LEU B 61 -4.07 45.44 39.25
CA LEU B 61 -3.52 44.35 40.05
C LEU B 61 -1.98 44.33 39.95
N LEU B 62 -1.50 44.44 38.72
CA LEU B 62 -0.07 44.46 38.39
C LEU B 62 0.70 45.50 39.19
N SER B 63 0.15 46.72 39.28
CA SER B 63 0.86 47.87 39.77
C SER B 63 0.67 48.04 41.27
N CYS B 64 -0.48 47.65 41.79
CA CYS B 64 -0.76 47.93 43.20
C CYS B 64 -0.49 46.80 44.21
N CYS B 65 -0.44 45.54 43.76
CA CYS B 65 -0.27 44.43 44.70
C CYS B 65 1.20 44.21 45.01
N GLU B 66 1.61 44.68 46.18
CA GLU B 66 3.04 44.70 46.55
C GLU B 66 3.44 43.30 46.99
N SER B 67 2.49 42.54 47.52
CA SER B 67 2.74 41.21 47.96
C SER B 67 2.60 40.14 46.85
N CYS B 68 2.37 40.54 45.61
CA CYS B 68 2.21 39.64 44.50
C CYS B 68 3.48 39.38 43.67
N GLY B 69 4.60 39.98 44.05
CA GLY B 69 5.87 39.89 43.33
C GLY B 69 6.26 41.22 42.73
N LEU B 70 6.83 41.22 41.53
CA LEU B 70 7.52 42.41 41.04
C LEU B 70 6.99 42.88 39.70
N GLY B 71 5.67 42.84 39.56
CA GLY B 71 5.00 43.38 38.38
C GLY B 71 5.37 42.73 37.06
N CYS B 72 5.84 43.54 36.12
CA CYS B 72 6.36 43.04 34.84
C CYS B 72 7.59 42.13 34.93
N GLU B 73 8.22 42.02 36.09
CA GLU B 73 9.29 41.00 36.32
C GLU B 73 8.77 39.60 36.66
N GLY B 74 7.49 39.47 36.99
CA GLY B 74 6.91 38.16 37.36
C GLY B 74 6.11 38.29 38.61
N GLY B 75 5.38 37.25 38.99
CA GLY B 75 4.58 37.26 40.21
C GLY B 75 4.03 35.92 40.67
N ILE B 76 3.17 36.01 41.68
CA ILE B 76 2.73 34.82 42.44
C ILE B 76 1.20 34.80 42.43
N LEU B 77 0.61 33.62 42.39
CA LEU B 77 -0.82 33.46 42.05
C LEU B 77 -1.73 33.65 43.24
N GLY B 78 -1.48 32.85 44.30
CA GLY B 78 -2.25 32.90 45.55
C GLY B 78 -2.47 34.33 46.06
N PRO B 79 -1.41 35.10 46.20
CA PRO B 79 -1.48 36.49 46.60
C PRO B 79 -2.36 37.42 45.72
N ALA B 80 -2.47 37.14 44.42
CA ALA B 80 -3.28 37.98 43.52
C ALA B 80 -4.76 37.84 43.84
N TRP B 81 -5.17 36.61 44.17
CA TRP B 81 -6.49 36.31 44.60
C TRP B 81 -6.79 36.84 46.00
N ASP B 82 -5.80 36.83 46.89
CA ASP B 82 -5.91 37.46 48.20
C ASP B 82 -6.13 38.95 48.05
N TYR B 83 -5.38 39.58 47.16
CA TYR B 83 -5.55 41.01 46.94
C TYR B 83 -6.94 41.38 46.42
N TRP B 84 -7.48 40.56 45.54
CA TRP B 84 -8.83 40.73 45.04
C TRP B 84 -9.84 40.65 46.19
N VAL B 85 -9.63 39.71 47.11
CA VAL B 85 -10.54 39.51 48.27
C VAL B 85 -10.45 40.65 49.26
N LYS B 86 -9.23 41.02 49.62
CA LYS B 86 -8.97 42.12 50.57
C LYS B 86 -9.15 43.56 50.02
N GLU B 87 -8.55 43.87 48.86
CA GLU B 87 -8.62 45.24 48.29
C GLU B 87 -9.55 45.40 47.06
N GLY B 88 -9.80 44.30 46.37
CA GLY B 88 -10.58 44.34 45.16
C GLY B 88 -9.77 44.92 43.99
N ILE B 89 -10.37 44.87 42.80
CA ILE B 89 -9.72 45.35 41.58
C ILE B 89 -10.73 46.13 40.76
N VAL B 90 -10.31 47.27 40.23
CA VAL B 90 -11.14 48.07 39.37
C VAL B 90 -11.28 47.49 37.96
N THR B 91 -12.13 48.10 37.15
CA THR B 91 -12.32 47.68 35.78
C THR B 91 -11.29 48.33 34.87
N GLY B 92 -11.16 47.80 33.67
CA GLY B 92 -10.13 48.26 32.72
C GLY B 92 -9.88 47.27 31.60
N SER B 93 -10.00 47.76 30.38
CA SER B 93 -9.90 46.93 29.17
C SER B 93 -8.49 46.96 28.63
N SER B 94 -8.32 46.55 27.38
CA SER B 94 -7.04 46.66 26.69
C SER B 94 -6.74 48.11 26.38
N LYS B 95 -5.48 48.37 25.98
CA LYS B 95 -5.05 49.70 25.66
C LYS B 95 -5.85 50.25 24.48
N GLU B 96 -5.99 49.43 23.47
CA GLU B 96 -6.71 49.74 22.25
C GLU B 96 -8.20 50.10 22.46
N ASN B 97 -8.90 49.42 23.38
CA ASN B 97 -10.32 49.71 23.63
C ASN B 97 -10.52 50.81 24.65
N HIS B 98 -9.47 51.09 25.41
CA HIS B 98 -9.42 52.24 26.35
C HIS B 98 -10.73 52.46 27.11
N ALA B 99 -11.25 51.41 27.71
CA ALA B 99 -12.49 51.50 28.47
C ALA B 99 -12.25 51.13 29.93
N GLY B 100 -13.22 51.45 30.78
CA GLY B 100 -13.18 51.17 32.22
C GLY B 100 -12.28 52.14 32.97
N CYS B 101 -12.14 51.90 34.25
CA CYS B 101 -11.37 52.76 35.14
C CYS B 101 -9.89 52.86 34.76
N GLU B 102 -9.21 51.72 34.65
CA GLU B 102 -7.77 51.74 34.31
C GLU B 102 -7.43 50.75 33.21
N PRO B 103 -7.44 51.22 31.95
CA PRO B 103 -7.07 50.34 30.83
C PRO B 103 -5.58 50.10 30.74
N TYR B 104 -5.22 49.01 30.06
CA TYR B 104 -3.86 48.52 30.03
C TYR B 104 -2.99 49.52 29.29
N PRO B 105 -1.82 49.90 29.85
CA PRO B 105 -0.96 50.90 29.19
C PRO B 105 -0.05 50.38 28.08
N PHE B 106 0.00 49.07 27.85
CA PHE B 106 0.87 48.51 26.83
C PHE B 106 0.13 47.93 25.62
N PRO B 107 0.74 48.08 24.43
CA PRO B 107 0.09 47.66 23.19
C PRO B 107 0.24 46.19 22.84
N LYS B 108 -0.73 45.65 22.11
CA LYS B 108 -0.64 44.27 21.65
C LYS B 108 0.67 44.07 20.88
N CYS B 109 1.17 42.84 20.87
CA CYS B 109 2.35 42.47 20.12
C CYS B 109 2.38 40.95 19.95
N GLU B 110 3.19 40.47 19.01
CA GLU B 110 3.24 39.04 18.71
C GLU B 110 4.26 38.34 19.57
N HIS B 111 3.81 37.29 20.25
CA HIS B 111 4.61 36.56 21.15
C HIS B 111 5.14 35.29 20.48
N HIS B 112 6.29 35.40 19.80
CA HIS B 112 7.02 34.26 19.18
C HIS B 112 6.18 33.53 18.16
N THR B 113 5.44 34.32 17.41
CA THR B 113 4.54 33.82 16.40
C THR B 113 4.29 34.90 15.35
N LYS B 114 3.69 34.47 14.25
CA LYS B 114 3.43 35.32 13.11
C LYS B 114 2.04 35.90 13.23
N GLY B 115 1.90 37.16 12.83
CA GLY B 115 0.59 37.77 12.72
C GLY B 115 0.60 39.24 12.39
N LYS B 116 -0.51 39.90 12.67
CA LYS B 116 -0.75 41.29 12.25
C LYS B 116 -0.18 42.39 13.14
N TYR B 117 0.25 42.07 14.37
CA TYR B 117 0.79 43.08 15.29
C TYR B 117 2.31 43.08 15.17
N PRO B 118 2.98 44.16 15.67
CA PRO B 118 4.44 44.12 15.75
C PRO B 118 4.96 42.99 16.64
N PRO B 119 6.15 42.42 16.33
CA PRO B 119 6.76 41.45 17.25
C PRO B 119 7.02 42.06 18.64
N CYS B 120 6.89 41.27 19.70
CA CYS B 120 7.11 41.75 21.05
C CYS B 120 8.58 41.94 21.26
N GLY B 121 9.36 40.99 20.74
CA GLY B 121 10.77 40.96 20.97
C GLY B 121 10.98 40.53 22.41
N SER B 122 12.16 40.88 22.94
CA SER B 122 12.63 40.38 24.23
C SER B 122 12.73 41.44 25.33
N LYS B 123 12.62 42.71 24.95
CA LYS B 123 12.61 43.79 25.94
C LYS B 123 11.33 43.80 26.80
N ILE B 124 11.45 44.21 28.06
CA ILE B 124 10.36 44.19 29.02
C ILE B 124 10.19 45.60 29.59
N TYR B 125 8.95 46.10 29.65
CA TYR B 125 8.65 47.40 30.23
C TYR B 125 8.84 47.39 31.74
N LYS B 126 9.02 48.57 32.30
CA LYS B 126 9.04 48.72 33.76
C LYS B 126 7.61 48.66 34.26
N THR B 127 7.42 48.08 35.44
CA THR B 127 6.12 47.98 36.05
C THR B 127 5.48 49.38 36.11
N PRO B 128 4.22 49.50 35.67
CA PRO B 128 3.56 50.81 35.82
C PRO B 128 3.30 51.14 37.27
N ARG B 129 3.11 52.42 37.56
CA ARG B 129 2.92 52.85 38.94
C ARG B 129 1.49 52.64 39.39
N CYS B 130 1.29 52.38 40.67
CA CYS B 130 -0.04 52.27 41.26
C CYS B 130 -0.76 53.62 41.33
N LYS B 131 -1.65 53.88 40.37
CA LYS B 131 -2.29 55.19 40.22
C LYS B 131 -3.45 55.46 41.18
N GLN B 132 -4.35 54.50 41.31
CA GLN B 132 -5.57 54.71 42.12
C GLN B 132 -6.50 55.90 41.68
N THR B 133 -6.45 56.25 40.40
CA THR B 133 -7.37 57.23 39.78
C THR B 133 -7.88 56.63 38.48
N CYS B 134 -9.17 56.76 38.19
CA CYS B 134 -9.68 56.29 36.90
C CYS B 134 -9.30 57.30 35.82
N GLN B 135 -9.39 56.90 34.56
CA GLN B 135 -9.21 57.84 33.46
C GLN B 135 -10.37 58.84 33.50
N LYS B 136 -10.16 60.01 32.90
CA LYS B 136 -11.08 61.16 33.05
C LYS B 136 -12.50 60.83 32.58
N LYS B 137 -12.59 60.22 31.40
CA LYS B 137 -13.87 59.87 30.81
C LYS B 137 -14.62 58.74 31.52
N TYR B 138 -14.06 58.14 32.58
CA TYR B 138 -14.77 57.09 33.35
C TYR B 138 -15.47 57.69 34.57
N LYS B 139 -16.77 57.38 34.69
CA LYS B 139 -17.67 58.12 35.56
C LYS B 139 -17.84 57.54 36.95
N THR B 140 -16.91 56.73 37.41
CA THR B 140 -16.93 56.24 38.79
C THR B 140 -15.55 56.53 39.42
N PRO B 141 -15.49 56.85 40.74
CA PRO B 141 -14.15 56.96 41.34
C PRO B 141 -13.49 55.60 41.56
N TYR B 142 -12.17 55.59 41.51
CA TYR B 142 -11.36 54.41 41.74
C TYR B 142 -11.88 53.58 42.91
N THR B 143 -11.95 54.16 44.10
CA THR B 143 -12.39 53.45 45.31
C THR B 143 -13.72 52.70 45.16
N GLN B 144 -14.63 53.27 44.38
CA GLN B 144 -15.98 52.74 44.19
C GLN B 144 -16.10 51.73 43.05
N ASP B 145 -15.14 51.75 42.12
CA ASP B 145 -15.11 50.81 41.00
C ASP B 145 -14.54 49.45 41.40
N LYS B 146 -14.12 49.31 42.66
CA LYS B 146 -13.44 48.12 43.13
C LYS B 146 -14.38 46.93 43.21
N HIS B 147 -13.94 45.82 42.62
CA HIS B 147 -14.65 44.55 42.68
C HIS B 147 -13.84 43.60 43.53
N ARG B 148 -14.45 43.13 44.63
CA ARG B 148 -13.83 42.30 45.60
C ARG B 148 -14.42 40.92 45.48
N GLY B 149 -13.63 39.92 45.85
CA GLY B 149 -14.12 38.58 46.05
C GLY B 149 -14.26 38.33 47.53
N LYS B 150 -14.76 37.16 47.90
CA LYS B 150 -14.99 36.82 49.30
C LYS B 150 -13.98 35.78 49.81
N SER B 151 -13.69 34.77 48.99
CA SER B 151 -12.68 33.79 49.31
C SER B 151 -11.61 33.67 48.22
N SER B 152 -10.49 33.07 48.60
CA SER B 152 -9.46 32.65 47.66
C SER B 152 -8.79 31.40 48.16
N TYR B 153 -8.48 30.51 47.24
CA TYR B 153 -7.99 29.21 47.62
C TYR B 153 -7.22 28.60 46.46
N ASN B 154 -6.42 27.62 46.81
CA ASN B 154 -5.85 26.70 45.86
C ASN B 154 -6.82 25.59 45.65
N VAL B 155 -6.75 25.00 44.48
CA VAL B 155 -7.57 23.86 44.15
C VAL B 155 -6.68 22.64 44.24
N LYS B 156 -7.20 21.57 44.83
CA LYS B 156 -6.52 20.28 44.93
C LYS B 156 -5.84 19.86 43.61
N ASN B 157 -4.62 19.34 43.68
CA ASN B 157 -3.95 18.74 42.51
C ASN B 157 -4.58 17.40 42.08
N ASP B 158 -5.79 17.50 41.53
CA ASP B 158 -6.57 16.34 41.10
C ASP B 158 -7.44 16.75 39.93
N GLU B 159 -7.34 16.06 38.81
CA GLU B 159 -8.09 16.35 37.60
C GLU B 159 -9.56 16.59 37.85
N LYS B 160 -10.19 15.64 38.53
CA LYS B 160 -11.63 15.69 38.79
C LYS B 160 -12.03 16.86 39.69
N ALA B 161 -11.18 17.24 40.61
CA ALA B 161 -11.51 18.36 41.48
C ALA B 161 -11.40 19.65 40.69
N ILE B 162 -10.42 19.70 39.78
CA ILE B 162 -10.25 20.86 38.95
C ILE B 162 -11.47 21.01 38.00
N GLN B 163 -11.94 19.89 37.46
CA GLN B 163 -13.08 19.84 36.57
C GLN B 163 -14.35 20.25 37.22
N LYS B 164 -14.54 19.82 38.47
CA LYS B 164 -15.75 20.17 39.21
C LYS B 164 -15.73 21.62 39.58
N GLU B 165 -14.59 22.09 40.04
CA GLU B 165 -14.42 23.51 40.33
C GLU B 165 -14.76 24.37 39.12
N ILE B 166 -14.23 24.03 37.94
CA ILE B 166 -14.50 24.84 36.74
C ILE B 166 -16.00 24.86 36.33
N MET B 167 -16.59 23.68 36.32
CA MET B 167 -17.94 23.47 35.88
C MET B 167 -18.92 24.21 36.81
N LYS B 168 -18.67 24.18 38.11
CA LYS B 168 -19.58 24.78 39.08
C LYS B 168 -19.36 26.29 39.22
N TYR B 169 -18.11 26.69 39.33
CA TYR B 169 -17.77 28.06 39.76
C TYR B 169 -17.10 28.88 38.69
N GLY B 170 -16.61 28.22 37.63
CA GLY B 170 -16.09 28.96 36.48
C GLY B 170 -14.61 28.75 36.23
N PRO B 171 -14.11 29.33 35.15
CA PRO B 171 -12.69 29.29 34.86
C PRO B 171 -11.73 29.66 35.97
N VAL B 172 -10.57 29.00 35.96
CA VAL B 172 -9.59 29.07 37.05
C VAL B 172 -8.28 29.58 36.51
N GLU B 173 -7.46 30.16 37.37
CA GLU B 173 -6.07 30.43 37.02
C GLU B 173 -5.18 29.21 37.29
N ALA B 174 -4.18 29.00 36.45
CA ALA B 174 -3.25 27.87 36.67
C ALA B 174 -1.88 28.28 36.23
N GLY B 175 -0.89 27.71 36.87
CA GLY B 175 0.49 27.82 36.44
C GLY B 175 0.93 26.54 35.77
N PHE B 176 1.89 26.67 34.85
CA PHE B 176 2.60 25.52 34.31
C PHE B 176 4.02 25.89 33.92
N THR B 177 4.86 24.88 33.74
CA THR B 177 6.26 25.06 33.39
C THR B 177 6.36 25.18 31.89
N VAL B 178 7.03 26.23 31.44
CA VAL B 178 7.27 26.46 30.04
C VAL B 178 8.62 25.92 29.62
N TYR B 179 8.62 25.12 28.53
CA TYR B 179 9.81 24.64 27.89
C TYR B 179 9.90 25.28 26.54
N GLU B 180 11.04 25.12 25.86
CA GLU B 180 11.28 25.95 24.64
C GLU B 180 10.32 25.57 23.53
N ASP B 181 9.94 24.31 23.49
CA ASP B 181 9.02 23.87 22.45
C ASP B 181 7.62 24.42 22.58
N PHE B 182 7.26 25.00 23.73
CA PHE B 182 5.96 25.68 23.85
C PHE B 182 5.87 26.96 23.01
N LEU B 183 7.02 27.60 22.79
CA LEU B 183 7.10 28.83 21.97
C LEU B 183 6.85 28.59 20.47
N ASN B 184 6.98 27.34 20.03
CA ASN B 184 6.69 26.99 18.65
C ASN B 184 5.32 26.39 18.46
N TYR B 185 4.50 26.40 19.52
CA TYR B 185 3.13 25.91 19.44
C TYR B 185 2.27 26.73 18.49
N LYS B 186 1.67 26.03 17.52
CA LYS B 186 0.73 26.63 16.58
C LYS B 186 -0.65 26.08 16.82
N SER B 187 -0.76 24.77 17.04
CA SER B 187 -2.04 24.12 17.25
C SER B 187 -1.91 22.68 17.74
N GLY B 188 -3.04 22.09 18.12
CA GLY B 188 -3.10 20.67 18.58
C GLY B 188 -3.03 20.59 20.11
N ILE B 189 -2.84 19.38 20.63
CA ILE B 189 -2.73 19.15 22.07
C ILE B 189 -1.28 19.15 22.39
N TYR B 190 -0.83 20.15 23.16
CA TYR B 190 0.59 20.31 23.49
C TYR B 190 1.01 19.33 24.55
N LYS B 191 2.27 18.90 24.47
CA LYS B 191 2.97 18.30 25.58
C LYS B 191 4.47 18.54 25.38
N HIS B 192 5.21 18.60 26.46
CA HIS B 192 6.65 18.87 26.37
C HIS B 192 7.39 17.70 25.67
N ILE B 193 7.96 17.96 24.50
CA ILE B 193 8.81 16.98 23.80
C ILE B 193 10.28 17.37 23.86
N THR B 194 10.61 18.56 23.37
CA THR B 194 11.99 19.07 23.37
C THR B 194 12.10 20.37 24.14
N GLY B 195 13.34 20.81 24.40
CA GLY B 195 13.61 22.15 24.91
C GLY B 195 13.85 22.19 26.41
N GLU B 196 14.57 23.22 26.84
CA GLU B 196 14.89 23.38 28.28
C GLU B 196 13.86 24.32 28.92
N THR B 197 13.77 24.28 30.23
CA THR B 197 12.80 25.16 30.93
C THR B 197 13.15 26.64 30.86
N LEU B 198 12.14 27.45 30.55
CA LEU B 198 12.27 28.91 30.56
C LEU B 198 11.62 29.60 31.77
N GLY B 199 11.01 28.84 32.67
CA GLY B 199 10.30 29.42 33.80
C GLY B 199 8.91 28.85 33.91
N GLY B 200 8.04 29.60 34.58
CA GLY B 200 6.62 29.28 34.62
C GLY B 200 5.79 30.36 33.98
N HIS B 201 4.57 29.97 33.59
CA HIS B 201 3.59 30.88 32.95
C HIS B 201 2.33 30.63 33.76
N ALA B 202 1.41 31.59 33.69
CA ALA B 202 0.16 31.55 34.36
C ALA B 202 -0.93 31.92 33.34
N ILE B 203 -1.98 31.10 33.29
CA ILE B 203 -3.00 31.12 32.26
C ILE B 203 -4.37 30.78 32.89
N ARG B 204 -5.42 30.72 32.06
CA ARG B 204 -6.78 30.50 32.49
C ARG B 204 -7.32 29.23 31.90
N ILE B 205 -7.67 28.27 32.72
CA ILE B 205 -8.25 27.02 32.20
C ILE B 205 -9.77 27.23 32.16
N ILE B 206 -10.35 27.02 31.00
CA ILE B 206 -11.76 27.29 30.79
C ILE B 206 -12.61 26.07 30.48
N GLY B 207 -11.98 24.94 30.28
CA GLY B 207 -12.69 23.74 29.86
C GLY B 207 -11.79 22.57 29.59
N TRP B 208 -12.39 21.51 29.05
CA TRP B 208 -11.67 20.29 28.69
C TRP B 208 -12.41 19.54 27.57
N GLY B 209 -11.72 18.57 26.98
CA GLY B 209 -12.31 17.80 25.92
C GLY B 209 -11.51 16.57 25.63
N VAL B 210 -11.87 15.90 24.54
CA VAL B 210 -11.19 14.67 24.19
C VAL B 210 -11.16 14.62 22.67
N GLU B 211 -10.00 14.34 22.05
CA GLU B 211 -9.87 14.32 20.58
C GLU B 211 -9.22 13.02 20.22
N ASN B 212 -9.98 12.16 19.54
CA ASN B 212 -9.57 10.79 19.24
CA ASN B 212 -9.60 10.75 19.25
C ASN B 212 -9.07 10.08 20.51
N LYS B 213 -9.85 10.24 21.59
CA LYS B 213 -9.59 9.66 22.92
C LYS B 213 -8.53 10.37 23.74
N ALA B 214 -7.79 11.31 23.14
CA ALA B 214 -6.77 12.04 23.89
C ALA B 214 -7.40 13.13 24.75
N PRO B 215 -7.27 13.03 26.10
CA PRO B 215 -7.85 14.04 26.96
C PRO B 215 -6.99 15.30 27.05
N TYR B 216 -7.62 16.49 26.99
CA TYR B 216 -6.89 17.74 27.09
C TYR B 216 -7.64 18.76 27.95
N TRP B 217 -6.93 19.81 28.36
CA TRP B 217 -7.54 20.98 28.98
C TRP B 217 -7.57 22.00 27.89
N LEU B 218 -8.60 22.84 27.92
CA LEU B 218 -8.73 23.98 27.01
C LEU B 218 -8.35 25.23 27.79
N ILE B 219 -7.31 25.94 27.32
CA ILE B 219 -6.72 27.02 28.08
C ILE B 219 -6.62 28.29 27.28
N ALA B 220 -6.95 29.43 27.91
CA ALA B 220 -6.76 30.73 27.28
C ALA B 220 -5.40 31.28 27.66
N ASN B 221 -4.59 31.59 26.66
CA ASN B 221 -3.33 32.27 26.90
C ASN B 221 -3.56 33.77 26.78
N SER B 222 -2.59 34.56 27.27
CA SER B 222 -2.65 36.04 27.20
C SER B 222 -1.62 36.63 26.22
N TRP B 223 -1.45 35.97 25.07
CA TRP B 223 -0.57 36.45 24.00
C TRP B 223 -1.32 36.92 22.72
N ASN B 224 -2.57 37.35 22.89
CA ASN B 224 -3.45 37.83 21.83
C ASN B 224 -3.98 36.72 20.96
N GLU B 225 -4.94 37.09 20.12
CA GLU B 225 -5.74 36.14 19.35
C GLU B 225 -5.00 35.50 18.13
N ASP B 226 -3.83 35.99 17.77
CA ASP B 226 -3.02 35.43 16.67
C ASP B 226 -2.24 34.18 17.09
N TRP B 227 -2.05 34.04 18.40
CA TRP B 227 -1.25 32.96 18.96
C TRP B 227 -2.10 31.70 19.04
N GLY B 228 -1.48 30.59 18.73
CA GLY B 228 -2.10 29.30 18.99
C GLY B 228 -3.40 29.16 18.26
N GLU B 229 -4.35 28.51 18.91
CA GLU B 229 -5.66 28.29 18.37
C GLU B 229 -6.59 29.45 18.69
N ASN B 230 -6.38 30.58 18.00
CA ASN B 230 -7.18 31.81 18.17
C ASN B 230 -7.02 32.40 19.59
N GLY B 231 -5.79 32.38 20.07
CA GLY B 231 -5.47 32.78 21.43
C GLY B 231 -5.44 31.70 22.51
N TYR B 232 -5.94 30.52 22.20
CA TYR B 232 -6.06 29.41 23.18
C TYR B 232 -5.06 28.33 22.87
N PHE B 233 -4.88 27.40 23.79
CA PHE B 233 -4.17 26.18 23.45
C PHE B 233 -4.78 25.06 24.22
N ARG B 234 -4.37 23.86 23.88
CA ARG B 234 -4.86 22.64 24.51
C ARG B 234 -3.65 21.87 24.94
N ILE B 235 -3.76 21.19 26.08
CA ILE B 235 -2.59 20.59 26.73
C ILE B 235 -3.08 19.27 27.30
N VAL B 236 -2.25 18.27 27.25
CA VAL B 236 -2.57 16.97 27.85
C VAL B 236 -3.21 17.13 29.23
N ARG B 237 -4.33 16.44 29.45
CA ARG B 237 -5.00 16.43 30.72
C ARG B 237 -4.88 15.05 31.38
N GLY B 238 -4.64 15.03 32.69
CA GLY B 238 -4.65 13.79 33.46
C GLY B 238 -3.31 13.33 33.97
N ARG B 239 -2.22 13.86 33.39
CA ARG B 239 -0.84 13.45 33.76
C ARG B 239 -0.02 14.51 34.47
N ASP B 240 -0.67 15.59 34.88
CA ASP B 240 0.06 16.78 35.43
C ASP B 240 1.14 17.24 34.44
N GLU B 241 0.77 17.30 33.15
CA GLU B 241 1.69 17.76 32.10
C GLU B 241 2.24 19.17 32.37
N CYS B 242 3.55 19.27 32.50
CA CYS B 242 4.23 20.51 32.89
C CYS B 242 3.62 21.10 34.12
N SER B 243 3.20 20.24 35.04
CA SER B 243 2.54 20.66 36.31
C SER B 243 1.27 21.50 36.19
N ILE B 244 0.56 21.32 35.08
CA ILE B 244 -0.70 22.04 34.80
C ILE B 244 -1.81 21.83 35.85
N GLU B 245 -1.80 20.70 36.53
CA GLU B 245 -2.80 20.43 37.56
C GLU B 245 -2.36 20.79 38.97
N SER B 246 -1.15 21.34 39.11
CA SER B 246 -0.52 21.53 40.44
C SER B 246 -0.51 22.96 40.99
N GLU B 247 -0.86 23.94 40.15
CA GLU B 247 -0.82 25.34 40.55
C GLU B 247 -2.11 26.08 40.26
N VAL B 248 -3.26 25.48 40.62
CA VAL B 248 -4.56 25.97 40.24
C VAL B 248 -5.12 26.80 41.40
N THR B 249 -5.45 28.05 41.09
CA THR B 249 -5.83 29.01 42.08
C THR B 249 -7.11 29.64 41.56
N ALA B 250 -8.02 29.89 42.48
CA ALA B 250 -9.31 30.47 42.17
C ALA B 250 -9.90 31.10 43.43
N GLY B 251 -11.13 31.53 43.36
CA GLY B 251 -11.75 32.28 44.44
C GLY B 251 -13.19 32.44 44.10
N ARG B 252 -14.03 32.76 45.11
CA ARG B 252 -15.46 33.05 44.86
C ARG B 252 -15.88 34.42 45.34
N ILE B 253 -16.93 35.00 44.74
CA ILE B 253 -17.43 36.33 45.19
C ILE B 253 -18.42 36.27 46.36
N ASN B 254 -18.90 35.07 46.69
CA ASN B 254 -19.85 34.94 47.78
C ASN B 254 -19.75 33.57 48.44
N VAL C 1 -8.80 -57.41 -33.57
CA VAL C 1 -9.43 -56.56 -34.64
C VAL C 1 -8.62 -56.70 -35.95
N GLU C 2 -9.28 -56.84 -37.11
CA GLU C 2 -8.54 -56.80 -38.40
C GLU C 2 -7.97 -55.43 -38.70
N ILE C 3 -6.64 -55.36 -38.72
CA ILE C 3 -5.92 -54.16 -39.10
C ILE C 3 -5.97 -54.10 -40.60
N PRO C 4 -6.58 -53.04 -41.18
CA PRO C 4 -6.50 -52.88 -42.61
C PRO C 4 -5.10 -52.57 -43.10
N SER C 5 -4.90 -52.72 -44.40
CA SER C 5 -3.59 -52.59 -45.04
C SER C 5 -3.19 -51.11 -45.08
N SER C 6 -4.19 -50.23 -45.11
CA SER C 6 -3.97 -48.78 -44.98
C SER C 6 -4.97 -48.10 -44.05
N PHE C 7 -4.58 -46.98 -43.47
CA PHE C 7 -5.43 -46.23 -42.54
C PHE C 7 -5.02 -44.75 -42.49
N ASP C 8 -6.02 -43.86 -42.48
CA ASP C 8 -5.77 -42.41 -42.43
C ASP C 8 -6.68 -41.74 -41.41
N SER C 9 -6.15 -41.22 -40.31
CA SER C 9 -6.99 -40.62 -39.23
C SER C 9 -7.83 -39.45 -39.73
N ARG C 10 -7.31 -38.73 -40.70
CA ARG C 10 -8.03 -37.61 -41.25
C ARG C 10 -9.31 -38.03 -41.93
N LYS C 11 -9.34 -39.25 -42.47
CA LYS C 11 -10.52 -39.71 -43.23
C LYS C 11 -11.53 -40.39 -42.32
N LYS C 12 -11.07 -40.99 -41.21
CA LYS C 12 -11.98 -41.65 -40.29
C LYS C 12 -12.73 -40.63 -39.50
N TRP C 13 -12.07 -39.54 -39.13
CA TRP C 13 -12.69 -38.51 -38.27
C TRP C 13 -12.58 -37.11 -38.91
N PRO C 14 -13.21 -36.93 -40.10
CA PRO C 14 -13.07 -35.66 -40.82
C PRO C 14 -13.68 -34.41 -40.13
N ARG C 15 -14.55 -34.56 -39.14
CA ARG C 15 -15.02 -33.39 -38.35
C ARG C 15 -13.94 -32.76 -37.48
N CYS C 16 -12.95 -33.56 -37.11
CA CYS C 16 -11.89 -33.11 -36.26
C CYS C 16 -10.83 -32.45 -37.16
N LYS C 17 -10.92 -31.13 -37.30
CA LYS C 17 -10.14 -30.36 -38.28
C LYS C 17 -8.64 -30.43 -37.96
N SER C 18 -8.32 -30.49 -36.67
CA SER C 18 -6.95 -30.50 -36.21
C SER C 18 -6.17 -31.63 -36.87
N ILE C 19 -6.82 -32.77 -37.07
CA ILE C 19 -6.13 -33.95 -37.54
C ILE C 19 -5.43 -33.71 -38.88
N ALA C 20 -5.99 -32.86 -39.72
CA ALA C 20 -5.38 -32.54 -41.01
C ALA C 20 -4.64 -31.20 -41.03
N THR C 21 -4.42 -30.61 -39.87
CA THR C 21 -3.77 -29.31 -39.81
C THR C 21 -2.26 -29.56 -39.66
N ILE C 22 -1.47 -28.89 -40.48
CA ILE C 22 -0.05 -28.92 -40.34
C ILE C 22 0.33 -27.63 -39.67
N ARG C 23 1.06 -27.71 -38.56
CA ARG C 23 1.64 -26.53 -37.87
C ARG C 23 3.10 -26.26 -38.18
N ASP C 24 3.62 -25.18 -37.62
CA ASP C 24 5.03 -24.80 -37.78
C ASP C 24 5.58 -24.39 -36.45
N GLN C 25 6.58 -25.14 -35.95
CA GLN C 25 7.24 -24.85 -34.68
C GLN C 25 8.20 -23.67 -34.78
N SER C 26 8.51 -23.22 -36.00
CA SER C 26 9.34 -22.01 -36.20
C SER C 26 10.80 -22.22 -35.77
N ARG C 27 11.52 -21.15 -35.42
CA ARG C 27 12.91 -21.25 -35.02
C ARG C 27 13.01 -21.61 -33.55
N CYS C 28 12.41 -22.75 -33.19
CA CYS C 28 12.31 -23.16 -31.80
C CYS C 28 12.28 -24.69 -31.75
N GLY C 29 13.12 -25.26 -30.90
CA GLY C 29 13.21 -26.71 -30.73
C GLY C 29 12.07 -27.30 -29.94
N SER C 30 10.86 -26.97 -30.38
CA SER C 30 9.66 -27.31 -29.61
C SER C 30 8.90 -28.47 -30.21
N CYS C 31 9.53 -29.20 -31.15
CA CYS C 31 8.90 -30.40 -31.77
C CYS C 31 8.21 -31.32 -30.76
N TRP C 32 8.84 -31.53 -29.61
CA TRP C 32 8.29 -32.37 -28.55
C TRP C 32 6.93 -31.87 -28.09
N ALA C 33 6.77 -30.55 -28.08
CA ALA C 33 5.55 -29.88 -27.63
C ALA C 33 4.50 -29.89 -28.74
N PHE C 34 4.94 -29.85 -29.98
CA PHE C 34 4.02 -29.79 -31.11
C PHE C 34 3.41 -31.15 -31.37
N GLY C 35 4.22 -32.17 -31.42
CA GLY C 35 3.66 -33.55 -31.58
C GLY C 35 2.64 -33.89 -30.50
N ALA C 36 2.87 -33.36 -29.30
CA ALA C 36 1.98 -33.54 -28.15
C ALA C 36 0.67 -32.78 -28.32
N VAL C 37 0.71 -31.45 -28.40
CA VAL C 37 -0.56 -30.69 -28.51
C VAL C 37 -1.38 -31.01 -29.75
N GLU C 38 -0.70 -31.38 -30.85
CA GLU C 38 -1.39 -31.77 -32.06
C GLU C 38 -2.23 -33.02 -31.81
N ALA C 39 -1.60 -34.10 -31.37
CA ALA C 39 -2.28 -35.34 -31.07
C ALA C 39 -3.27 -35.21 -29.91
N MET C 40 -2.96 -34.39 -28.91
CA MET C 40 -3.95 -34.14 -27.85
C MET C 40 -5.17 -33.38 -28.34
N SER C 41 -4.96 -32.43 -29.25
CA SER C 41 -6.08 -31.76 -29.91
C SER C 41 -6.95 -32.80 -30.64
N ASP C 42 -6.31 -33.66 -31.43
CA ASP C 42 -7.04 -34.65 -32.22
C ASP C 42 -7.88 -35.56 -31.32
N ARG C 43 -7.24 -36.07 -30.26
CA ARG C 43 -7.82 -37.06 -29.37
C ARG C 43 -8.94 -36.46 -28.51
N SER C 44 -8.82 -35.17 -28.20
CA SER C 44 -9.86 -34.48 -27.44
C SER C 44 -11.15 -34.46 -28.25
N CYS C 45 -11.02 -34.28 -29.57
CA CYS C 45 -12.17 -34.29 -30.51
C CYS C 45 -12.66 -35.71 -30.80
N ILE C 46 -11.75 -36.63 -31.08
CA ILE C 46 -12.13 -38.03 -31.37
C ILE C 46 -12.83 -38.70 -30.22
N GLN C 47 -12.22 -38.61 -29.03
CA GLN C 47 -12.67 -39.37 -27.87
C GLN C 47 -13.78 -38.69 -27.09
N SER C 48 -14.18 -37.48 -27.52
CA SER C 48 -15.33 -36.79 -26.94
C SER C 48 -16.50 -36.68 -27.92
N GLY C 49 -16.52 -37.55 -28.92
CA GLY C 49 -17.48 -37.46 -30.05
C GLY C 49 -17.63 -36.11 -30.76
N GLY C 50 -16.57 -35.30 -30.80
CA GLY C 50 -16.58 -34.03 -31.55
C GLY C 50 -16.90 -32.80 -30.73
N LYS C 51 -17.15 -33.02 -29.42
CA LYS C 51 -17.61 -31.97 -28.49
C LYS C 51 -16.53 -30.91 -28.20
N GLN C 52 -15.34 -31.38 -27.83
CA GLN C 52 -14.13 -30.54 -27.85
C GLN C 52 -13.61 -30.61 -29.29
N ASN C 53 -13.71 -29.51 -30.02
CA ASN C 53 -13.10 -29.42 -31.34
C ASN C 53 -12.18 -28.21 -31.27
N VAL C 54 -10.93 -28.45 -30.85
CA VAL C 54 -10.04 -27.33 -30.48
C VAL C 54 -8.62 -27.49 -30.98
N GLU C 55 -7.90 -26.37 -30.90
CA GLU C 55 -6.51 -26.32 -31.18
C GLU C 55 -5.81 -25.96 -29.89
N LEU C 56 -5.11 -26.94 -29.30
CA LEU C 56 -4.38 -26.73 -28.07
C LEU C 56 -3.08 -25.97 -28.29
N SER C 57 -2.71 -25.20 -27.28
CA SER C 57 -1.62 -24.23 -27.36
C SER C 57 -0.24 -24.84 -27.21
N ALA C 58 0.56 -24.74 -28.26
CA ALA C 58 1.94 -25.18 -28.24
C ALA C 58 2.83 -24.38 -27.25
N VAL C 59 2.59 -23.07 -27.16
CA VAL C 59 3.40 -22.21 -26.32
C VAL C 59 3.08 -22.43 -24.85
N ASP C 60 1.85 -22.79 -24.55
CA ASP C 60 1.48 -23.06 -23.18
C ASP C 60 2.24 -24.23 -22.64
N LEU C 61 2.22 -25.31 -23.40
CA LEU C 61 2.93 -26.51 -22.95
C LEU C 61 4.46 -26.23 -22.93
N LEU C 62 4.95 -25.59 -23.97
CA LEU C 62 6.38 -25.23 -24.17
C LEU C 62 6.95 -24.44 -23.00
N SER C 63 6.20 -23.44 -22.58
CA SER C 63 6.69 -22.44 -21.67
C SER C 63 6.42 -22.84 -20.23
N CYS C 64 5.30 -23.51 -19.98
CA CYS C 64 4.87 -23.78 -18.59
C CYS C 64 5.28 -25.13 -18.01
N CYS C 65 5.57 -26.13 -18.85
CA CYS C 65 6.01 -27.45 -18.37
C CYS C 65 7.54 -27.48 -18.10
N GLU C 66 7.88 -27.23 -16.84
CA GLU C 66 9.28 -27.22 -16.40
C GLU C 66 9.87 -28.60 -16.34
N SER C 67 9.04 -29.62 -16.09
CA SER C 67 9.53 -31.03 -16.11
C SER C 67 9.63 -31.66 -17.51
N CYS C 68 9.34 -30.89 -18.56
CA CYS C 68 9.36 -31.42 -19.92
C CYS C 68 10.67 -31.14 -20.67
N GLY C 69 11.60 -30.43 -20.03
CA GLY C 69 12.90 -30.11 -20.62
C GLY C 69 13.12 -28.61 -20.68
N LEU C 70 13.76 -28.14 -21.73
CA LEU C 70 14.23 -26.76 -21.75
C LEU C 70 13.66 -26.00 -22.92
N GLY C 71 12.37 -26.19 -23.14
CA GLY C 71 11.61 -25.37 -24.10
C GLY C 71 12.11 -25.47 -25.52
N CYS C 72 12.47 -24.33 -26.09
CA CYS C 72 13.05 -24.24 -27.44
C CYS C 72 14.40 -24.93 -27.59
N GLU C 73 15.02 -25.37 -26.51
CA GLU C 73 16.26 -26.14 -26.59
C GLU C 73 15.98 -27.64 -26.78
N GLY C 74 14.74 -28.07 -26.64
CA GLY C 74 14.43 -29.53 -26.70
C GLY C 74 13.62 -30.02 -25.52
N GLY C 75 13.09 -31.23 -25.60
CA GLY C 75 12.31 -31.74 -24.47
C GLY C 75 12.03 -33.22 -24.52
N ILE C 76 11.14 -33.66 -23.61
CA ILE C 76 10.86 -35.06 -23.37
C ILE C 76 9.36 -35.31 -23.58
N LEU C 77 9.02 -36.49 -24.10
CA LEU C 77 7.65 -36.75 -24.56
C LEU C 77 6.70 -37.12 -23.44
N GLY C 78 7.07 -38.14 -22.69
CA GLY C 78 6.23 -38.69 -21.62
C GLY C 78 5.73 -37.62 -20.67
N PRO C 79 6.65 -36.79 -20.16
CA PRO C 79 6.28 -35.68 -19.29
C PRO C 79 5.26 -34.68 -19.86
N ALA C 80 5.23 -34.50 -21.19
CA ALA C 80 4.29 -33.55 -21.81
C ALA C 80 2.89 -34.05 -21.67
N TRP C 81 2.71 -35.36 -21.88
CA TRP C 81 1.43 -35.97 -21.66
C TRP C 81 1.04 -36.02 -20.16
N ASP C 82 2.04 -36.16 -19.26
CA ASP C 82 1.78 -36.09 -17.81
C ASP C 82 1.31 -34.71 -17.43
N TYR C 83 1.91 -33.71 -18.05
CA TYR C 83 1.50 -32.35 -17.80
C TYR C 83 0.05 -32.10 -18.24
N TRP C 84 -0.34 -32.66 -19.38
CA TRP C 84 -1.69 -32.51 -19.93
C TRP C 84 -2.71 -33.12 -18.98
N VAL C 85 -2.34 -34.26 -18.40
CA VAL C 85 -3.21 -34.99 -17.48
C VAL C 85 -3.35 -34.25 -16.17
N LYS C 86 -2.23 -33.79 -15.63
CA LYS C 86 -2.24 -33.13 -14.31
C LYS C 86 -2.65 -31.64 -14.37
N GLU C 87 -2.12 -30.88 -15.32
CA GLU C 87 -2.37 -29.42 -15.41
C GLU C 87 -3.29 -28.99 -16.55
N GLY C 88 -3.33 -29.79 -17.60
CA GLY C 88 -4.11 -29.45 -18.79
C GLY C 88 -3.36 -28.41 -19.63
N ILE C 89 -3.95 -28.09 -20.79
CA ILE C 89 -3.34 -27.13 -21.73
C ILE C 89 -4.44 -26.29 -22.33
N VAL C 90 -4.22 -24.99 -22.42
CA VAL C 90 -5.15 -24.07 -23.03
C VAL C 90 -5.12 -24.14 -24.54
N THR C 91 -6.02 -23.41 -25.18
CA THR C 91 -6.15 -23.36 -26.63
C THR C 91 -5.24 -22.31 -27.15
N GLY C 92 -4.96 -22.40 -28.43
CA GLY C 92 -4.05 -21.47 -29.07
C GLY C 92 -3.65 -21.93 -30.45
N SER C 93 -3.84 -21.05 -31.44
CA SER C 93 -3.53 -21.37 -32.81
C SER C 93 -2.13 -20.94 -33.21
N SER C 94 -1.84 -20.90 -34.52
CA SER C 94 -0.57 -20.35 -35.01
C SER C 94 -0.53 -18.85 -34.77
N LYS C 95 0.65 -18.26 -34.93
CA LYS C 95 0.82 -16.85 -34.81
C LYS C 95 -0.12 -16.12 -35.78
N GLU C 96 -0.11 -16.52 -37.05
CA GLU C 96 -0.88 -15.88 -38.12
C GLU C 96 -2.42 -15.81 -37.87
N ASN C 97 -2.99 -16.88 -37.35
CA ASN C 97 -4.44 -16.95 -37.13
C ASN C 97 -4.83 -16.32 -35.82
N HIS C 98 -3.84 -16.15 -34.94
CA HIS C 98 -3.97 -15.43 -33.67
C HIS C 98 -5.30 -15.66 -32.96
N ALA C 99 -5.63 -16.94 -32.78
CA ALA C 99 -6.88 -17.34 -32.13
C ALA C 99 -6.63 -18.14 -30.85
N GLY C 100 -7.67 -18.29 -30.05
CA GLY C 100 -7.60 -19.04 -28.82
C GLY C 100 -6.88 -18.28 -27.74
N CYS C 101 -6.74 -18.93 -26.59
CA CYS C 101 -6.17 -18.31 -25.40
C CYS C 101 -4.71 -17.89 -25.61
N GLU C 102 -3.83 -18.80 -26.03
CA GLU C 102 -2.40 -18.44 -26.20
C GLU C 102 -1.82 -18.88 -27.56
N PRO C 103 -1.93 -17.99 -28.55
CA PRO C 103 -1.42 -18.38 -29.88
C PRO C 103 0.10 -18.37 -29.94
N TYR C 104 0.66 -19.11 -30.89
CA TYR C 104 2.12 -19.27 -30.96
C TYR C 104 2.76 -17.90 -31.26
N PRO C 105 3.79 -17.50 -30.49
CA PRO C 105 4.48 -16.22 -30.74
C PRO C 105 5.47 -16.17 -31.90
N PHE C 106 5.75 -17.28 -32.58
CA PHE C 106 6.77 -17.28 -33.62
C PHE C 106 6.22 -17.53 -35.00
N PRO C 107 6.83 -16.89 -36.02
CA PRO C 107 6.33 -16.93 -37.39
C PRO C 107 6.78 -18.11 -38.22
N LYS C 108 5.94 -18.50 -39.17
CA LYS C 108 6.29 -19.57 -40.09
C LYS C 108 7.64 -19.30 -40.79
N CYS C 109 8.35 -20.37 -41.14
CA CYS C 109 9.63 -20.28 -41.80
C CYS C 109 9.95 -21.60 -42.47
N GLU C 110 10.89 -21.56 -43.44
CA GLU C 110 11.21 -22.76 -44.23
C GLU C 110 12.35 -23.54 -43.58
N HIS C 111 12.10 -24.82 -43.30
CA HIS C 111 13.02 -25.65 -42.53
C HIS C 111 13.77 -26.49 -43.54
N HIS C 112 14.89 -25.94 -44.03
CA HIS C 112 15.84 -26.62 -44.95
C HIS C 112 15.15 -27.08 -46.23
N THR C 113 14.33 -26.21 -46.76
CA THR C 113 13.54 -26.48 -47.96
C THR C 113 13.11 -25.17 -48.65
N LYS C 114 12.63 -25.31 -49.87
CA LYS C 114 12.23 -24.20 -50.69
C LYS C 114 10.76 -23.92 -50.50
N GLY C 115 10.40 -22.65 -50.48
CA GLY C 115 9.00 -22.28 -50.44
C GLY C 115 8.75 -20.81 -50.28
N LYS C 116 7.52 -20.47 -49.91
CA LYS C 116 7.05 -19.09 -49.86
C LYS C 116 7.42 -18.31 -48.58
N TYR C 117 7.90 -18.97 -47.53
CA TYR C 117 8.20 -18.28 -46.25
C TYR C 117 9.71 -18.00 -46.16
N PRO C 118 10.14 -17.15 -45.23
CA PRO C 118 11.56 -16.87 -45.10
C PRO C 118 12.25 -18.13 -44.58
N PRO C 119 13.53 -18.32 -44.92
CA PRO C 119 14.29 -19.42 -44.32
C PRO C 119 14.31 -19.31 -42.80
N CYS C 120 14.26 -20.45 -42.11
CA CYS C 120 14.42 -20.44 -40.64
C CYS C 120 15.84 -20.11 -40.24
N GLY C 121 16.76 -20.68 -41.00
CA GLY C 121 18.17 -20.60 -40.68
C GLY C 121 18.46 -21.43 -39.46
N SER C 122 19.56 -21.12 -38.77
CA SER C 122 20.06 -21.93 -37.66
C SER C 122 19.79 -21.33 -36.28
N LYS C 123 19.47 -20.04 -36.23
CA LYS C 123 19.20 -19.35 -34.95
C LYS C 123 17.96 -19.94 -34.28
N ILE C 124 17.98 -20.00 -32.95
CA ILE C 124 16.90 -20.56 -32.14
C ILE C 124 16.46 -19.50 -31.12
N TYR C 125 15.16 -19.24 -31.03
CA TYR C 125 14.65 -18.24 -30.09
C TYR C 125 14.80 -18.74 -28.67
N LYS C 126 14.74 -17.81 -27.72
CA LYS C 126 14.68 -18.15 -26.30
C LYS C 126 13.27 -18.62 -25.97
N THR C 127 13.17 -19.55 -25.03
CA THR C 127 11.89 -20.12 -24.63
C THR C 127 11.01 -19.00 -24.12
N PRO C 128 9.75 -18.90 -24.63
CA PRO C 128 8.86 -17.87 -24.08
C PRO C 128 8.54 -18.17 -22.63
N ARG C 129 8.22 -17.14 -21.86
CA ARG C 129 7.97 -17.41 -20.47
C ARG C 129 6.50 -17.80 -20.27
N CYS C 130 6.27 -18.53 -19.16
CA CYS C 130 4.95 -19.02 -18.82
C CYS C 130 3.99 -17.89 -18.36
N LYS C 131 3.11 -17.43 -19.25
CA LYS C 131 2.23 -16.27 -19.00
C LYS C 131 0.97 -16.54 -18.14
N GLN C 132 0.27 -17.65 -18.40
CA GLN C 132 -0.95 -17.97 -17.62
C GLN C 132 -2.08 -16.93 -17.67
N THR C 133 -2.10 -16.13 -18.74
CA THR C 133 -3.27 -15.32 -19.07
C THR C 133 -3.45 -15.41 -20.59
N CYS C 134 -4.69 -15.30 -21.02
CA CYS C 134 -5.01 -15.42 -22.44
C CYS C 134 -4.74 -14.04 -23.09
N GLN C 135 -4.72 -13.99 -24.41
CA GLN C 135 -4.72 -12.68 -25.12
C GLN C 135 -6.02 -11.97 -24.77
N LYS C 136 -6.06 -10.66 -25.01
CA LYS C 136 -7.18 -9.83 -24.52
C LYS C 136 -8.52 -10.20 -25.13
N LYS C 137 -8.52 -10.39 -26.44
CA LYS C 137 -9.74 -10.65 -27.19
C LYS C 137 -10.29 -12.05 -26.96
N TYR C 138 -9.60 -12.88 -26.18
CA TYR C 138 -10.12 -14.22 -25.84
C TYR C 138 -10.92 -14.19 -24.52
N LYS C 139 -12.16 -14.65 -24.58
CA LYS C 139 -13.16 -14.35 -23.55
C LYS C 139 -13.25 -15.40 -22.42
N THR C 140 -12.26 -16.27 -22.28
CA THR C 140 -12.26 -17.28 -21.21
C THR C 140 -10.97 -17.11 -20.43
N PRO C 141 -11.04 -17.19 -19.09
CA PRO C 141 -9.77 -17.09 -18.33
C PRO C 141 -8.90 -18.32 -18.47
N TYR C 142 -7.59 -18.09 -18.46
CA TYR C 142 -6.60 -19.12 -18.63
C TYR C 142 -6.96 -20.40 -17.88
N THR C 143 -7.16 -20.31 -16.56
CA THR C 143 -7.52 -21.48 -15.70
C THR C 143 -8.73 -22.29 -16.23
N GLN C 144 -9.69 -21.58 -16.81
CA GLN C 144 -10.94 -22.18 -17.31
C GLN C 144 -10.81 -22.73 -18.73
N ASP C 145 -9.80 -22.26 -19.49
CA ASP C 145 -9.56 -22.77 -20.86
C ASP C 145 -8.76 -24.06 -20.88
N LYS C 146 -8.36 -24.55 -19.72
CA LYS C 146 -7.51 -25.73 -19.61
C LYS C 146 -8.19 -27.02 -20.03
N HIS C 147 -7.57 -27.76 -20.94
CA HIS C 147 -8.08 -29.06 -21.40
C HIS C 147 -7.16 -30.13 -20.85
N ARG C 148 -7.71 -31.01 -20.01
CA ARG C 148 -6.92 -32.06 -19.35
C ARG C 148 -7.21 -33.39 -19.97
N GLY C 149 -6.25 -34.30 -19.84
CA GLY C 149 -6.48 -35.69 -20.18
C GLY C 149 -6.66 -36.45 -18.87
N LYS C 150 -6.93 -37.74 -18.95
CA LYS C 150 -7.10 -38.61 -17.79
C LYS C 150 -5.90 -39.54 -17.58
N SER C 151 -5.38 -40.12 -18.67
CA SER C 151 -4.24 -41.00 -18.65
C SER C 151 -3.13 -40.57 -19.64
N SER C 152 -1.92 -41.04 -19.38
CA SER C 152 -0.84 -40.93 -20.34
C SER C 152 0.01 -42.15 -20.21
N TYR C 153 0.53 -42.63 -21.33
CA TYR C 153 1.24 -43.87 -21.35
C TYR C 153 2.15 -43.89 -22.57
N ASN C 154 3.12 -44.77 -22.53
CA ASN C 154 3.90 -45.17 -23.66
C ASN C 154 3.18 -46.29 -24.35
N VAL C 155 3.35 -46.38 -25.66
CA VAL C 155 2.76 -47.44 -26.43
C VAL C 155 3.86 -48.47 -26.68
N LYS C 156 3.49 -49.74 -26.52
CA LYS C 156 4.38 -50.86 -26.78
C LYS C 156 5.16 -50.65 -28.08
N ASN C 157 6.45 -51.00 -28.06
CA ASN C 157 7.27 -50.94 -29.28
C ASN C 157 7.00 -52.12 -30.23
N ASP C 158 5.82 -52.08 -30.83
CA ASP C 158 5.29 -53.17 -31.69
C ASP C 158 4.37 -52.53 -32.75
N GLU C 159 4.65 -52.78 -34.03
CA GLU C 159 3.91 -52.20 -35.16
C GLU C 159 2.40 -52.29 -34.97
N LYS C 160 1.93 -53.50 -34.71
CA LYS C 160 0.52 -53.78 -34.61
C LYS C 160 -0.12 -53.12 -33.42
N ALA C 161 0.60 -53.02 -32.31
CA ALA C 161 0.01 -52.34 -31.18
C ALA C 161 -0.15 -50.85 -31.52
N ILE C 162 0.81 -50.30 -32.27
CA ILE C 162 0.82 -48.92 -32.59
C ILE C 162 -0.33 -48.66 -33.54
N GLN C 163 -0.56 -49.58 -34.46
CA GLN C 163 -1.66 -49.52 -35.43
C GLN C 163 -3.03 -49.56 -34.79
N LYS C 164 -3.21 -50.45 -33.82
CA LYS C 164 -4.45 -50.59 -33.07
C LYS C 164 -4.68 -49.36 -32.22
N GLU C 165 -3.64 -48.88 -31.55
CA GLU C 165 -3.78 -47.65 -30.77
C GLU C 165 -4.28 -46.48 -31.66
N ILE C 166 -3.68 -46.30 -32.83
CA ILE C 166 -4.04 -45.19 -33.70
C ILE C 166 -5.50 -45.27 -34.17
N MET C 167 -5.86 -46.45 -34.61
CA MET C 167 -7.14 -46.75 -35.27
C MET C 167 -8.29 -46.58 -34.28
N LYS C 168 -8.11 -47.09 -33.08
CA LYS C 168 -9.11 -46.96 -32.03
C LYS C 168 -9.13 -45.57 -31.34
N TYR C 169 -7.97 -45.07 -30.93
CA TYR C 169 -7.93 -43.87 -30.07
C TYR C 169 -7.39 -42.58 -30.73
N GLY C 170 -6.74 -42.72 -31.89
CA GLY C 170 -6.35 -41.56 -32.65
C GLY C 170 -4.88 -41.38 -32.81
N PRO C 171 -4.49 -40.32 -33.53
CA PRO C 171 -3.10 -40.10 -33.79
C PRO C 171 -2.26 -40.09 -32.51
N VAL C 172 -1.02 -40.53 -32.64
CA VAL C 172 -0.06 -40.60 -31.49
C VAL C 172 1.13 -39.70 -31.72
N GLU C 173 1.84 -39.36 -30.65
CA GLU C 173 3.15 -38.70 -30.77
C GLU C 173 4.23 -39.75 -30.82
N ALA C 174 5.25 -39.52 -31.62
CA ALA C 174 6.35 -40.46 -31.70
C ALA C 174 7.67 -39.71 -31.88
N GLY C 175 8.73 -40.27 -31.33
CA GLY C 175 10.05 -39.71 -31.55
C GLY C 175 10.74 -40.55 -32.60
N PHE C 176 11.68 -39.93 -33.31
CA PHE C 176 12.64 -40.65 -34.13
C PHE C 176 13.97 -39.91 -34.26
N THR C 177 14.99 -40.64 -34.71
CA THR C 177 16.35 -40.11 -34.82
C THR C 177 16.53 -39.46 -36.18
N VAL C 178 16.99 -38.21 -36.17
CA VAL C 178 17.18 -37.44 -37.41
C VAL C 178 18.64 -37.57 -37.87
N TYR C 179 18.82 -37.90 -39.13
CA TYR C 179 20.13 -37.96 -39.77
C TYR C 179 20.10 -36.87 -40.82
N GLU C 180 21.26 -36.54 -41.37
CA GLU C 180 21.41 -35.40 -42.26
C GLU C 180 20.59 -35.53 -43.52
N ASP C 181 20.44 -36.74 -44.01
CA ASP C 181 19.64 -36.96 -45.21
C ASP C 181 18.14 -36.71 -45.01
N PHE C 182 17.67 -36.59 -43.77
CA PHE C 182 16.25 -36.26 -43.57
C PHE C 182 15.94 -34.78 -43.94
N LEU C 183 16.94 -33.94 -43.82
CA LEU C 183 16.84 -32.54 -44.19
C LEU C 183 16.69 -32.31 -45.70
N ASN C 184 17.10 -33.27 -46.51
CA ASN C 184 16.89 -33.18 -47.96
C ASN C 184 15.62 -33.88 -48.44
N TYR C 185 14.78 -34.32 -47.51
CA TYR C 185 13.55 -35.02 -47.88
C TYR C 185 12.58 -34.09 -48.58
N LYS C 186 12.14 -34.50 -49.77
CA LYS C 186 11.14 -33.79 -50.56
C LYS C 186 9.86 -34.63 -50.68
N SER C 187 10.01 -35.93 -50.95
CA SER C 187 8.87 -36.84 -51.09
C SER C 187 9.29 -38.31 -51.07
N GLY C 188 8.30 -39.18 -51.04
CA GLY C 188 8.52 -40.64 -51.00
C GLY C 188 8.53 -41.23 -49.61
N ILE C 189 8.95 -42.48 -49.52
CA ILE C 189 9.12 -43.17 -48.22
C ILE C 189 10.55 -43.04 -47.75
N TYR C 190 10.74 -42.32 -46.66
CA TYR C 190 12.07 -42.05 -46.13
C TYR C 190 12.66 -43.22 -45.39
N LYS C 191 13.98 -43.37 -45.52
CA LYS C 191 14.76 -44.21 -44.60
C LYS C 191 16.16 -43.68 -44.56
N HIS C 192 16.82 -43.82 -43.42
CA HIS C 192 18.19 -43.35 -43.32
C HIS C 192 19.14 -44.07 -44.30
N ILE C 193 19.64 -43.36 -45.31
CA ILE C 193 20.70 -43.88 -46.21
C ILE C 193 22.09 -43.28 -45.91
N THR C 194 22.19 -41.94 -45.94
CA THR C 194 23.47 -41.24 -45.64
C THR C 194 23.32 -40.28 -44.45
N GLY C 195 24.46 -39.77 -43.97
CA GLY C 195 24.47 -38.69 -43.01
C GLY C 195 24.63 -39.12 -41.57
N GLU C 196 25.10 -38.18 -40.75
CA GLU C 196 25.32 -38.41 -39.33
C GLU C 196 24.10 -37.95 -38.53
N THR C 197 23.96 -38.44 -37.31
CA THR C 197 22.85 -38.04 -36.48
C THR C 197 22.92 -36.57 -36.01
N LEU C 198 21.78 -35.87 -36.12
CA LEU C 198 21.64 -34.50 -35.66
C LEU C 198 20.83 -34.38 -34.39
N GLY C 199 20.31 -35.48 -33.88
CA GLY C 199 19.48 -35.39 -32.71
C GLY C 199 18.23 -36.20 -32.88
N GLY C 200 17.23 -35.89 -32.06
CA GLY C 200 15.92 -36.52 -32.19
C GLY C 200 14.88 -35.47 -32.56
N HIS C 201 13.80 -35.95 -33.16
CA HIS C 201 12.67 -35.10 -33.52
C HIS C 201 11.47 -35.82 -32.92
N ALA C 202 10.36 -35.09 -32.81
CA ALA C 202 9.09 -35.63 -32.33
C ALA C 202 7.99 -35.11 -33.24
N ILE C 203 7.11 -36.04 -33.63
CA ILE C 203 6.14 -35.80 -34.66
C ILE C 203 4.86 -36.53 -34.33
N ARG C 204 3.88 -36.46 -35.23
CA ARG C 204 2.56 -37.08 -35.04
C ARG C 204 2.28 -38.15 -36.08
N ILE C 205 2.08 -39.40 -35.65
CA ILE C 205 1.77 -40.46 -36.59
C ILE C 205 0.25 -40.49 -36.74
N ILE C 206 -0.22 -40.35 -37.95
CA ILE C 206 -1.65 -40.31 -38.18
C ILE C 206 -2.22 -41.48 -39.03
N GLY C 207 -1.37 -42.38 -39.50
CA GLY C 207 -1.83 -43.49 -40.30
C GLY C 207 -0.72 -44.34 -40.85
N TRP C 208 -1.10 -45.25 -41.75
CA TRP C 208 -0.13 -46.08 -42.47
C TRP C 208 -0.65 -46.49 -43.83
N GLY C 209 0.24 -47.07 -44.63
CA GLY C 209 -0.10 -47.48 -45.98
C GLY C 209 0.99 -48.33 -46.60
N VAL C 210 0.86 -48.61 -47.88
CA VAL C 210 1.79 -49.49 -48.56
C VAL C 210 1.86 -49.01 -50.00
N GLU C 211 3.07 -48.78 -50.49
CA GLU C 211 3.28 -48.36 -51.88
C GLU C 211 4.28 -49.28 -52.55
N ASN C 212 3.82 -50.02 -53.55
CA ASN C 212 4.64 -51.02 -54.23
C ASN C 212 5.24 -52.00 -53.23
N LYS C 213 4.38 -52.44 -52.32
CA LYS C 213 4.69 -53.41 -51.26
C LYS C 213 5.44 -52.83 -50.08
N ALA C 214 6.00 -51.63 -50.24
CA ALA C 214 6.78 -51.03 -49.16
C ALA C 214 5.84 -50.44 -48.10
N PRO C 215 5.83 -51.02 -46.89
CA PRO C 215 5.00 -50.46 -45.82
C PRO C 215 5.57 -49.14 -45.23
N TYR C 216 4.70 -48.16 -45.00
CA TYR C 216 5.14 -46.92 -44.37
C TYR C 216 4.15 -46.44 -43.33
N TRP C 217 4.66 -45.54 -42.48
CA TRP C 217 3.83 -44.76 -41.58
C TRP C 217 3.64 -43.45 -42.29
N LEU C 218 2.47 -42.85 -42.08
CA LEU C 218 2.11 -41.50 -42.56
C LEU C 218 2.16 -40.55 -41.37
N ILE C 219 2.95 -39.50 -41.50
CA ILE C 219 3.37 -38.72 -40.35
C ILE C 219 3.27 -37.25 -40.65
N ALA C 220 2.73 -36.49 -39.70
CA ALA C 220 2.67 -35.03 -39.85
C ALA C 220 3.88 -34.41 -39.18
N ASN C 221 4.66 -33.67 -39.95
CA ASN C 221 5.76 -32.88 -39.41
C ASN C 221 5.23 -31.50 -39.04
N SER C 222 6.01 -30.78 -38.23
CA SER C 222 5.68 -29.44 -37.77
C SER C 222 6.58 -28.36 -38.36
N TRP C 223 6.87 -28.50 -39.66
CA TRP C 223 7.71 -27.58 -40.39
C TRP C 223 6.95 -26.86 -41.53
N ASN C 224 5.65 -26.71 -41.35
CA ASN C 224 4.72 -26.05 -42.28
C ASN C 224 4.49 -26.86 -43.54
N GLU C 225 3.49 -26.38 -44.30
CA GLU C 225 2.89 -27.11 -45.39
C GLU C 225 3.75 -27.16 -46.65
N ASP C 226 4.82 -26.38 -46.70
CA ASP C 226 5.72 -26.39 -47.87
C ASP C 226 6.67 -27.56 -47.84
N TRP C 227 6.94 -28.06 -46.62
CA TRP C 227 7.89 -29.12 -46.41
C TRP C 227 7.29 -30.49 -46.78
N GLY C 228 8.13 -31.30 -47.41
CA GLY C 228 7.75 -32.66 -47.71
C GLY C 228 6.50 -32.76 -48.56
N GLU C 229 5.68 -33.76 -48.27
CA GLU C 229 4.45 -34.00 -49.00
C GLU C 229 3.33 -33.24 -48.33
N ASN C 230 3.29 -31.94 -48.59
CA ASN C 230 2.29 -31.03 -48.04
C ASN C 230 2.31 -30.96 -46.52
N GLY C 231 3.51 -30.95 -45.96
CA GLY C 231 3.71 -30.91 -44.53
C GLY C 231 3.87 -32.26 -43.86
N TYR C 232 3.58 -33.33 -44.60
CA TYR C 232 3.70 -34.71 -44.08
C TYR C 232 4.93 -35.40 -44.66
N PHE C 233 5.29 -36.53 -44.06
CA PHE C 233 6.20 -37.41 -44.74
C PHE C 233 5.78 -38.83 -44.47
N ARG C 234 6.47 -39.75 -45.13
CA ARG C 234 6.25 -41.17 -44.97
C ARG C 234 7.60 -41.81 -44.64
N ILE C 235 7.58 -42.85 -43.81
CA ILE C 235 8.79 -43.47 -43.33
C ILE C 235 8.56 -44.96 -43.27
N VAL C 236 9.61 -45.74 -43.52
CA VAL C 236 9.53 -47.20 -43.47
C VAL C 236 8.84 -47.63 -42.19
N ARG C 237 7.87 -48.56 -42.34
CA ARG C 237 7.17 -49.13 -41.20
C ARG C 237 7.52 -50.62 -41.00
N GLY C 238 7.69 -51.03 -39.76
CA GLY C 238 7.94 -52.44 -39.40
C GLY C 238 9.35 -52.79 -38.97
N ARG C 239 10.33 -51.95 -39.29
CA ARG C 239 11.76 -52.21 -38.99
C ARG C 239 12.34 -51.32 -37.91
N ASP C 240 11.50 -50.58 -37.21
CA ASP C 240 11.92 -49.57 -36.22
C ASP C 240 12.89 -48.57 -36.84
N GLU C 241 12.59 -48.16 -38.07
CA GLU C 241 13.41 -47.17 -38.80
C GLU C 241 13.66 -45.86 -38.03
N CYS C 242 14.94 -45.57 -37.77
CA CYS C 242 15.35 -44.47 -36.90
C CYS C 242 14.56 -44.45 -35.61
N SER C 243 14.30 -45.63 -35.07
CA SER C 243 13.52 -45.82 -33.82
C SER C 243 12.07 -45.28 -33.80
N ILE C 244 11.45 -45.22 -34.96
CA ILE C 244 10.11 -44.66 -35.13
C ILE C 244 9.03 -45.40 -34.35
N GLU C 245 9.21 -46.70 -34.13
CA GLU C 245 8.29 -47.49 -33.29
C GLU C 245 8.65 -47.58 -31.79
N SER C 246 9.72 -46.91 -31.37
CA SER C 246 10.25 -47.11 -30.00
C SER C 246 9.92 -45.98 -29.02
N GLU C 247 9.45 -44.84 -29.53
CA GLU C 247 9.20 -43.65 -28.68
C GLU C 247 7.79 -43.08 -28.87
N VAL C 248 6.79 -43.96 -28.86
CA VAL C 248 5.39 -43.63 -29.12
C VAL C 248 4.72 -43.35 -27.80
N THR C 249 4.18 -42.14 -27.70
CA THR C 249 3.57 -41.66 -26.46
C THR C 249 2.20 -41.13 -26.84
N ALA C 250 1.25 -41.36 -25.95
CA ALA C 250 -0.13 -40.98 -26.19
C ALA C 250 -0.86 -40.93 -24.86
N GLY C 251 -2.18 -40.73 -24.90
CA GLY C 251 -2.97 -40.51 -23.70
C GLY C 251 -4.43 -40.49 -24.09
N ARG C 252 -5.31 -40.63 -23.11
CA ARG C 252 -6.75 -40.55 -23.35
C ARG C 252 -7.41 -39.55 -22.45
N ILE C 253 -8.54 -38.99 -22.88
CA ILE C 253 -9.27 -38.01 -22.04
C ILE C 253 -10.26 -38.67 -21.07
N ASN C 254 -10.51 -39.97 -21.22
CA ASN C 254 -11.47 -40.65 -20.37
C ASN C 254 -11.17 -42.12 -20.24
#